data_6B55
#
_entry.id   6B55
#
_cell.length_a   114.218
_cell.length_b   154.925
_cell.length_c   135.999
_cell.angle_alpha   90.000
_cell.angle_beta   90.000
_cell.angle_gamma   90.000
#
_symmetry.space_group_name_H-M   'C 2 2 21'
#
loop_
_entity.id
_entity.type
_entity.pdbx_description
1 polymer 'Flower-specific defensin'
2 non-polymer 1,2-DIOCTANOYL-SN-GLYCERO-3-PHOSPHATE
3 non-polymer 'PHOSPHATE ION'
4 non-polymer 'TRIETHYLENE GLYCOL'
5 non-polymer 1,2-ETHANEDIOL
6 water water
#
_entity_poly.entity_id   1
_entity_poly.type   'polypeptide(L)'
_entity_poly.pdbx_seq_one_letter_code
;ARECKTESNTFPGICITKPPCRKACISEKFTDGHCSKILRRCLCTKPC
;
_entity_poly.pdbx_strand_id   A,B,C,D,E,F,G,H,I,J,K,L,M,N,O,P,Q,R,S,T
#
# COMPACT_ATOMS: atom_id res chain seq x y z
N ALA A 1 -9.59 40.26 9.11
CA ALA A 1 -10.71 39.38 8.77
C ALA A 1 -10.36 38.51 7.57
N ARG A 2 -11.39 37.98 6.92
CA ARG A 2 -11.22 37.11 5.76
C ARG A 2 -11.37 37.92 4.48
N GLU A 3 -10.52 37.65 3.50
CA GLU A 3 -10.48 38.38 2.24
C GLU A 3 -10.98 37.48 1.12
N CYS A 4 -11.98 37.96 0.39
CA CYS A 4 -12.53 37.24 -0.75
C CYS A 4 -11.99 37.82 -2.05
N LYS A 5 -11.83 36.96 -3.06
CA LYS A 5 -11.24 37.36 -4.31
C LYS A 5 -12.11 36.94 -5.49
N THR A 6 -11.92 37.61 -6.61
CA THR A 6 -12.55 37.29 -7.88
C THR A 6 -11.80 38.04 -8.97
N GLU A 7 -11.80 37.47 -10.17
CA GLU A 7 -11.05 38.07 -11.28
C GLU A 7 -11.70 39.37 -11.72
N SER A 8 -10.86 40.33 -12.10
CA SER A 8 -11.34 41.63 -12.56
C SER A 8 -12.24 41.46 -13.79
N ASN A 9 -13.17 42.41 -13.93
CA ASN A 9 -14.04 42.45 -15.11
C ASN A 9 -13.54 43.39 -16.19
N THR A 10 -12.64 44.33 -15.85
CA THR A 10 -12.27 45.39 -16.76
C THR A 10 -10.78 45.48 -17.07
N PHE A 11 -9.93 44.81 -16.31
CA PHE A 11 -8.49 44.95 -16.49
C PHE A 11 -8.08 44.44 -17.86
N PRO A 12 -7.50 45.28 -18.72
CA PRO A 12 -7.11 44.83 -20.06
C PRO A 12 -5.74 44.19 -20.10
N GLY A 13 -5.67 42.98 -20.65
CA GLY A 13 -4.40 42.37 -20.96
C GLY A 13 -3.82 41.54 -19.84
N ILE A 14 -2.54 41.22 -20.01
CA ILE A 14 -1.80 40.36 -19.08
C ILE A 14 -1.44 41.16 -17.83
N CYS A 15 -1.60 40.51 -16.67
CA CYS A 15 -1.29 41.13 -15.39
C CYS A 15 0.17 40.84 -15.05
N ILE A 16 1.03 41.85 -15.16
CA ILE A 16 2.44 41.72 -14.81
C ILE A 16 2.77 42.54 -13.57
N THR A 17 2.55 43.85 -13.62
CA THR A 17 2.75 44.70 -12.45
C THR A 17 1.44 44.87 -11.69
N LYS A 18 1.57 45.23 -10.42
CA LYS A 18 0.45 45.32 -9.50
C LYS A 18 -0.36 46.62 -9.63
N PRO A 19 0.27 47.80 -9.71
CA PRO A 19 -0.52 49.06 -9.71
C PRO A 19 -1.60 49.10 -10.77
N PRO A 20 -1.35 48.66 -12.01
CA PRO A 20 -2.45 48.67 -12.99
C PRO A 20 -3.63 47.80 -12.59
N CYS A 21 -3.35 46.58 -12.09
CA CYS A 21 -4.43 45.70 -11.63
C CYS A 21 -5.13 46.28 -10.41
N ARG A 22 -4.41 46.99 -9.55
CA ARG A 22 -5.03 47.60 -8.38
C ARG A 22 -5.99 48.72 -8.79
N LYS A 23 -5.63 49.48 -9.82
CA LYS A 23 -6.49 50.56 -10.27
C LYS A 23 -7.81 50.03 -10.83
N ALA A 24 -7.75 49.00 -11.67
CA ALA A 24 -8.98 48.44 -12.26
C ALA A 24 -9.88 47.86 -11.18
N CYS A 25 -9.30 47.19 -10.18
CA CYS A 25 -10.12 46.60 -9.13
C CYS A 25 -10.79 47.67 -8.27
N ILE A 26 -10.07 48.75 -7.97
CA ILE A 26 -10.66 49.84 -7.21
C ILE A 26 -11.77 50.51 -8.01
N SER A 27 -11.59 50.63 -9.33
CA SER A 27 -12.64 51.16 -10.19
C SER A 27 -13.88 50.27 -10.16
N GLU A 28 -13.69 48.97 -9.93
CA GLU A 28 -14.81 48.04 -9.77
C GLU A 28 -15.28 47.95 -8.33
N LYS A 29 -14.95 48.96 -7.50
CA LYS A 29 -15.40 49.07 -6.12
C LYS A 29 -14.85 47.96 -5.23
N PHE A 30 -13.67 47.44 -5.56
CA PHE A 30 -12.97 46.52 -4.70
C PHE A 30 -11.85 47.25 -3.94
N THR A 31 -11.26 46.55 -2.98
CA THR A 31 -10.25 47.18 -2.13
C THR A 31 -8.88 47.21 -2.82
N ASP A 32 -8.37 46.04 -3.19
CA ASP A 32 -7.03 45.93 -3.76
C ASP A 32 -7.08 44.98 -4.95
N GLY A 33 -5.95 44.84 -5.64
CA GLY A 33 -5.84 43.95 -6.77
C GLY A 33 -4.42 43.44 -6.92
N HIS A 34 -4.30 42.20 -7.41
CA HIS A 34 -3.00 41.60 -7.62
C HIS A 34 -3.10 40.58 -8.75
N CYS A 35 -1.94 40.17 -9.26
CA CYS A 35 -1.86 39.26 -10.38
C CYS A 35 -1.80 37.81 -9.90
N SER A 36 -2.41 36.91 -10.67
CA SER A 36 -2.23 35.49 -10.44
C SER A 36 -0.84 35.06 -10.92
N LYS A 37 -0.31 34.02 -10.29
CA LYS A 37 1.09 33.66 -10.51
C LYS A 37 1.34 32.91 -11.81
N ILE A 38 0.32 32.29 -12.40
CA ILE A 38 0.54 31.47 -13.59
C ILE A 38 -0.07 32.13 -14.81
N LEU A 39 -1.40 32.12 -14.90
CA LEU A 39 -2.08 32.72 -16.04
C LEU A 39 -2.00 34.24 -16.05
N ARG A 40 -1.46 34.85 -15.00
CA ARG A 40 -1.30 36.29 -14.90
C ARG A 40 -2.65 37.00 -15.05
N ARG A 41 -3.61 36.56 -14.25
CA ARG A 41 -4.93 37.20 -14.20
C ARG A 41 -4.96 38.25 -13.10
N CYS A 42 -5.64 39.35 -13.36
CA CYS A 42 -5.79 40.40 -12.37
C CYS A 42 -6.90 40.01 -11.40
N LEU A 43 -6.55 39.82 -10.13
CA LEU A 43 -7.48 39.35 -9.12
C LEU A 43 -7.83 40.48 -8.16
N CYS A 44 -9.12 40.75 -8.02
CA CYS A 44 -9.61 41.78 -7.10
C CYS A 44 -9.90 41.18 -5.74
N THR A 45 -9.79 42.01 -4.70
CA THR A 45 -9.97 41.55 -3.33
C THR A 45 -10.77 42.58 -2.54
N LYS A 46 -11.58 42.07 -1.62
CA LYS A 46 -12.37 42.89 -0.69
C LYS A 46 -12.82 42.01 0.44
N PRO A 47 -13.22 42.59 1.58
CA PRO A 47 -13.64 41.75 2.72
C PRO A 47 -14.81 40.85 2.35
N CYS A 48 -14.76 39.62 2.84
CA CYS A 48 -15.85 38.68 2.64
C CYS A 48 -17.09 39.15 3.41
N ALA B 1 -24.72 37.16 -8.93
CA ALA B 1 -23.99 37.67 -10.08
C ALA B 1 -22.50 37.34 -9.97
N ARG B 2 -21.74 38.29 -9.45
CA ARG B 2 -20.30 38.11 -9.29
C ARG B 2 -20.02 37.24 -8.08
N GLU B 3 -19.14 36.26 -8.26
CA GLU B 3 -18.87 35.24 -7.25
C GLU B 3 -17.52 35.53 -6.58
N CYS B 4 -17.56 35.81 -5.28
CA CYS B 4 -16.36 36.04 -4.48
C CYS B 4 -15.96 34.73 -3.78
N LYS B 5 -14.66 34.50 -3.68
CA LYS B 5 -14.15 33.20 -3.28
C LYS B 5 -13.00 33.33 -2.29
N THR B 6 -12.98 32.44 -1.30
CA THR B 6 -11.86 32.30 -0.38
C THR B 6 -11.81 30.87 0.10
N GLU B 7 -10.64 30.48 0.62
CA GLU B 7 -10.45 29.13 1.11
C GLU B 7 -11.10 28.95 2.48
N SER B 8 -11.70 27.79 2.69
CA SER B 8 -12.32 27.49 3.98
C SER B 8 -11.27 27.42 5.08
N ASN B 9 -11.64 27.89 6.26
CA ASN B 9 -10.78 27.80 7.44
C ASN B 9 -11.29 26.78 8.45
N THR B 10 -12.29 25.97 8.08
CA THR B 10 -12.84 24.95 8.95
C THR B 10 -12.92 23.57 8.31
N PHE B 11 -12.77 23.46 6.99
CA PHE B 11 -12.93 22.17 6.31
C PHE B 11 -11.80 21.23 6.67
N PRO B 12 -12.08 20.07 7.29
CA PRO B 12 -11.00 19.14 7.62
C PRO B 12 -10.86 18.01 6.59
N GLY B 13 -9.65 17.75 6.14
CA GLY B 13 -9.38 16.62 5.29
C GLY B 13 -9.26 16.97 3.81
N ILE B 14 -9.33 15.93 2.99
CA ILE B 14 -9.16 16.05 1.54
C ILE B 14 -10.48 16.42 0.90
N CYS B 15 -10.44 17.35 -0.05
CA CYS B 15 -11.62 17.78 -0.78
C CYS B 15 -11.66 17.00 -2.10
N ILE B 16 -12.40 15.89 -2.11
CA ILE B 16 -12.56 15.09 -3.31
C ILE B 16 -13.87 15.41 -4.03
N THR B 17 -14.97 15.46 -3.29
CA THR B 17 -16.28 15.76 -3.87
C THR B 17 -16.82 17.06 -3.29
N LYS B 18 -17.86 17.58 -3.96
CA LYS B 18 -18.38 18.90 -3.62
C LYS B 18 -19.17 18.93 -2.32
N PRO B 19 -20.11 18.01 -2.04
CA PRO B 19 -21.03 18.20 -0.91
C PRO B 19 -20.33 18.45 0.42
N PRO B 20 -19.25 17.71 0.75
CA PRO B 20 -18.57 18.02 2.03
C PRO B 20 -18.04 19.44 2.11
N CYS B 21 -17.47 19.96 1.02
CA CYS B 21 -16.98 21.32 1.03
C CYS B 21 -18.13 22.33 1.06
N ARG B 22 -19.21 22.03 0.34
CA ARG B 22 -20.37 22.92 0.34
C ARG B 22 -20.98 23.04 1.73
N LYS B 23 -21.00 21.93 2.49
CA LYS B 23 -21.59 21.96 3.82
C LYS B 23 -20.75 22.79 4.78
N ALA B 24 -19.44 22.73 4.66
CA ALA B 24 -18.57 23.50 5.54
C ALA B 24 -18.65 24.99 5.21
N CYS B 25 -18.80 25.34 3.94
CA CYS B 25 -18.82 26.76 3.56
C CYS B 25 -20.11 27.43 3.97
N ILE B 26 -21.24 26.72 3.90
CA ILE B 26 -22.50 27.30 4.32
C ILE B 26 -22.48 27.57 5.82
N SER B 27 -21.85 26.69 6.59
CA SER B 27 -21.66 26.96 8.01
C SER B 27 -20.77 28.17 8.23
N GLU B 28 -19.88 28.45 7.28
CA GLU B 28 -19.03 29.63 7.31
C GLU B 28 -19.70 30.85 6.69
N LYS B 29 -21.03 30.85 6.59
CA LYS B 29 -21.84 31.95 6.10
C LYS B 29 -21.67 32.19 4.59
N PHE B 30 -21.18 31.19 3.86
CA PHE B 30 -21.12 31.27 2.41
C PHE B 30 -22.30 30.52 1.81
N THR B 31 -22.39 30.53 0.48
CA THR B 31 -23.50 29.90 -0.21
C THR B 31 -23.14 28.61 -0.92
N ASP B 32 -21.87 28.37 -1.21
CA ASP B 32 -21.45 27.17 -1.93
C ASP B 32 -19.96 26.95 -1.70
N GLY B 33 -19.48 25.82 -2.20
CA GLY B 33 -18.07 25.48 -2.10
C GLY B 33 -17.71 24.40 -3.10
N HIS B 34 -16.46 24.41 -3.52
CA HIS B 34 -15.97 23.40 -4.46
C HIS B 34 -14.52 23.10 -4.13
N CYS B 35 -14.02 22.01 -4.72
CA CYS B 35 -12.68 21.53 -4.43
C CYS B 35 -11.69 22.06 -5.46
N SER B 36 -10.47 22.37 -5.00
CA SER B 36 -9.39 22.66 -5.93
C SER B 36 -8.97 21.39 -6.65
N LYS B 37 -8.47 21.56 -7.87
CA LYS B 37 -8.29 20.42 -8.75
C LYS B 37 -7.08 19.57 -8.37
N ILE B 38 -5.99 20.20 -7.91
CA ILE B 38 -4.75 19.48 -7.71
C ILE B 38 -4.54 19.12 -6.25
N LEU B 39 -4.40 20.12 -5.38
CA LEU B 39 -4.17 19.86 -3.97
C LEU B 39 -5.44 19.57 -3.19
N ARG B 40 -6.60 19.58 -3.86
CA ARG B 40 -7.88 19.20 -3.27
C ARG B 40 -8.19 20.03 -2.02
N ARG B 41 -8.29 21.33 -2.22
CA ARG B 41 -8.65 22.26 -1.16
C ARG B 41 -10.11 22.68 -1.31
N CYS B 42 -10.73 22.97 -0.17
CA CYS B 42 -12.12 23.42 -0.14
C CYS B 42 -12.16 24.94 -0.25
N LEU B 43 -12.72 25.44 -1.34
CA LEU B 43 -12.80 26.87 -1.60
C LEU B 43 -14.25 27.30 -1.49
N CYS B 44 -14.51 28.29 -0.63
CA CYS B 44 -15.86 28.77 -0.38
C CYS B 44 -16.19 29.96 -1.27
N THR B 45 -17.42 29.98 -1.78
CA THR B 45 -17.87 31.02 -2.69
C THR B 45 -19.19 31.60 -2.22
N LYS B 46 -19.39 32.88 -2.53
CA LYS B 46 -20.64 33.57 -2.23
C LYS B 46 -20.70 34.82 -3.08
N PRO B 47 -21.91 35.35 -3.33
CA PRO B 47 -22.01 36.56 -4.15
C PRO B 47 -21.23 37.73 -3.55
N CYS B 48 -20.59 38.50 -4.43
CA CYS B 48 -19.83 39.67 -4.01
C CYS B 48 -20.77 40.80 -3.60
N ALA C 1 17.72 40.29 11.61
CA ALA C 1 17.25 41.37 10.75
C ALA C 1 16.56 40.81 9.51
N ARG C 2 15.29 40.44 9.66
CA ARG C 2 14.53 39.89 8.55
C ARG C 2 14.21 40.99 7.53
N GLU C 3 14.22 40.63 6.26
CA GLU C 3 13.95 41.56 5.17
C GLU C 3 12.52 41.38 4.69
N CYS C 4 11.73 42.44 4.77
CA CYS C 4 10.37 42.46 4.26
C CYS C 4 10.35 43.09 2.88
N LYS C 5 9.49 42.57 2.00
CA LYS C 5 9.51 42.91 0.59
C LYS C 5 8.11 43.29 0.12
N THR C 6 8.05 44.25 -0.80
CA THR C 6 6.82 44.58 -1.49
C THR C 6 7.18 45.14 -2.86
N GLU C 7 6.24 45.01 -3.79
CA GLU C 7 6.48 45.51 -5.14
C GLU C 7 6.38 47.04 -5.16
N SER C 8 7.26 47.67 -5.93
CA SER C 8 7.22 49.11 -6.09
C SER C 8 5.91 49.54 -6.73
N ASN C 9 5.50 50.78 -6.43
CA ASN C 9 4.30 51.35 -7.03
C ASN C 9 4.57 52.65 -7.75
N THR C 10 5.83 53.07 -7.86
CA THR C 10 6.20 54.25 -8.63
C THR C 10 7.21 53.95 -9.74
N PHE C 11 7.72 52.73 -9.83
CA PHE C 11 8.74 52.40 -10.82
C PHE C 11 8.10 52.27 -12.20
N PRO C 12 8.47 53.10 -13.17
CA PRO C 12 7.89 52.97 -14.51
C PRO C 12 8.69 52.03 -15.40
N GLY C 13 7.97 51.18 -16.11
CA GLY C 13 8.59 50.30 -17.09
C GLY C 13 9.09 48.99 -16.55
N ILE C 14 10.25 48.55 -17.04
CA ILE C 14 10.78 47.22 -16.77
C ILE C 14 12.10 47.34 -16.03
N CYS C 15 12.26 46.51 -15.01
CA CYS C 15 13.44 46.54 -14.14
C CYS C 15 14.55 45.71 -14.77
N ILE C 16 15.59 46.39 -15.24
CA ILE C 16 16.75 45.70 -15.82
C ILE C 16 17.93 45.84 -14.86
N THR C 17 18.45 47.05 -14.73
CA THR C 17 19.54 47.32 -13.80
C THR C 17 18.97 47.72 -12.44
N LYS C 18 19.76 47.46 -11.41
CA LYS C 18 19.36 47.70 -10.02
C LYS C 18 19.24 49.19 -9.64
N PRO C 19 20.17 50.07 -10.05
CA PRO C 19 20.14 51.46 -9.57
C PRO C 19 18.79 52.14 -9.77
N PRO C 20 18.13 52.01 -10.94
CA PRO C 20 16.82 52.66 -11.07
C PRO C 20 15.77 52.15 -10.10
N CYS C 21 15.74 50.84 -9.83
CA CYS C 21 14.77 50.29 -8.89
C CYS C 21 15.12 50.67 -7.45
N ARG C 22 16.41 50.67 -7.11
CA ARG C 22 16.82 51.06 -5.78
C ARG C 22 16.49 52.53 -5.51
N LYS C 23 16.70 53.39 -6.51
CA LYS C 23 16.38 54.80 -6.36
C LYS C 23 14.88 55.01 -6.21
N ALA C 24 14.07 54.27 -6.97
CA ALA C 24 12.62 54.40 -6.86
C ALA C 24 12.12 53.90 -5.51
N CYS C 25 12.72 52.83 -5.00
CA CYS C 25 12.27 52.27 -3.72
C CYS C 25 12.67 53.16 -2.55
N ILE C 26 13.84 53.78 -2.60
CA ILE C 26 14.25 54.68 -1.54
C ILE C 26 13.36 55.92 -1.52
N SER C 27 12.96 56.41 -2.71
CA SER C 27 12.00 57.50 -2.78
C SER C 27 10.66 57.10 -2.17
N GLU C 28 10.36 55.80 -2.16
CA GLU C 28 9.16 55.28 -1.53
C GLU C 28 9.39 54.92 -0.06
N LYS C 29 10.49 55.41 0.53
CA LYS C 29 10.80 55.22 1.95
C LYS C 29 11.11 53.75 2.27
N PHE C 30 11.84 53.10 1.36
CA PHE C 30 12.44 51.80 1.61
C PHE C 30 13.96 51.94 1.59
N THR C 31 14.64 50.86 1.99
CA THR C 31 16.09 50.90 2.09
C THR C 31 16.81 50.36 0.86
N ASP C 32 16.14 49.58 0.01
CA ASP C 32 16.79 49.00 -1.15
C ASP C 32 15.71 48.58 -2.14
N GLY C 33 16.16 48.30 -3.37
CA GLY C 33 15.28 47.82 -4.41
C GLY C 33 16.00 46.93 -5.40
N HIS C 34 15.35 45.87 -5.86
CA HIS C 34 15.97 44.94 -6.79
C HIS C 34 14.93 44.42 -7.74
N CYS C 35 15.40 43.94 -8.89
CA CYS C 35 14.51 43.45 -9.94
C CYS C 35 14.12 42.00 -9.67
N SER C 36 12.88 41.67 -10.05
CA SER C 36 12.48 40.27 -10.09
C SER C 36 13.13 39.59 -11.28
N LYS C 37 13.32 38.27 -11.16
CA LYS C 37 14.17 37.57 -12.12
C LYS C 37 13.49 37.38 -13.47
N ILE C 38 12.19 37.08 -13.48
CA ILE C 38 11.52 36.68 -14.70
C ILE C 38 10.76 37.86 -15.31
N LEU C 39 9.73 38.33 -14.61
CA LEU C 39 8.89 39.41 -15.12
C LEU C 39 9.53 40.78 -14.99
N ARG C 40 10.70 40.86 -14.35
CA ARG C 40 11.46 42.11 -14.23
C ARG C 40 10.64 43.19 -13.53
N ARG C 41 10.06 42.83 -12.39
CA ARG C 41 9.35 43.78 -11.54
C ARG C 41 10.31 44.36 -10.52
N CYS C 42 10.15 45.65 -10.23
CA CYS C 42 10.96 46.30 -9.21
C CYS C 42 10.37 45.98 -7.83
N LEU C 43 11.19 45.39 -6.97
CA LEU C 43 10.77 44.97 -5.65
C LEU C 43 11.51 45.78 -4.59
N CYS C 44 10.74 46.40 -3.70
CA CYS C 44 11.30 47.22 -2.64
C CYS C 44 11.50 46.39 -1.38
N THR C 45 12.57 46.67 -0.64
CA THR C 45 12.92 45.93 0.56
C THR C 45 13.21 46.88 1.70
N LYS C 46 12.92 46.42 2.91
CA LYS C 46 13.22 47.15 4.14
C LYS C 46 13.13 46.17 5.30
N PRO C 47 13.78 46.46 6.43
CA PRO C 47 13.68 45.56 7.58
C PRO C 47 12.23 45.40 8.03
N CYS C 48 11.92 44.19 8.51
CA CYS C 48 10.58 43.90 9.00
C CYS C 48 10.36 44.56 10.36
N ALA D 1 -0.94 51.78 2.37
CA ALA D 1 -1.90 50.79 1.91
C ALA D 1 -1.21 49.69 1.11
N ARG D 2 0.06 49.44 1.43
CA ARG D 2 0.81 48.36 0.80
C ARG D 2 1.20 47.33 1.86
N GLU D 3 1.41 46.11 1.39
CA GLU D 3 1.63 44.95 2.24
C GLU D 3 3.06 44.45 2.10
N CYS D 4 3.72 44.23 3.23
CA CYS D 4 5.09 43.74 3.25
C CYS D 4 5.10 42.23 3.42
N LYS D 5 6.05 41.57 2.74
CA LYS D 5 6.05 40.12 2.62
C LYS D 5 7.42 39.56 2.96
N THR D 6 7.40 38.38 3.59
CA THR D 6 8.61 37.60 3.82
C THR D 6 8.19 36.15 4.05
N GLU D 7 9.12 35.24 3.75
CA GLU D 7 8.86 33.83 3.95
C GLU D 7 8.97 33.45 5.42
N SER D 8 8.08 32.57 5.87
CA SER D 8 8.11 32.12 7.25
C SER D 8 9.41 31.41 7.56
N ASN D 9 9.89 31.57 8.79
CA ASN D 9 11.07 30.87 9.27
C ASN D 9 10.76 29.88 10.38
N THR D 10 9.47 29.60 10.64
CA THR D 10 9.06 28.62 11.62
C THR D 10 8.01 27.65 11.10
N PHE D 11 7.58 27.77 9.85
CA PHE D 11 6.55 26.89 9.31
C PHE D 11 7.14 25.54 8.98
N PRO D 12 6.54 24.44 9.44
CA PRO D 12 7.08 23.12 9.12
C PRO D 12 6.48 22.51 7.87
N GLY D 13 7.34 21.99 7.00
CA GLY D 13 6.88 21.21 5.86
C GLY D 13 6.29 21.99 4.71
N ILE D 14 5.28 21.42 4.07
CA ILE D 14 4.69 21.94 2.84
C ILE D 14 3.43 22.72 3.17
N CYS D 15 3.24 23.84 2.48
CA CYS D 15 2.08 24.71 2.69
C CYS D 15 0.97 24.28 1.73
N ILE D 16 0.00 23.53 2.25
CA ILE D 16 -1.13 23.10 1.43
C ILE D 16 -2.31 24.01 1.72
N THR D 17 -2.77 24.02 2.98
CA THR D 17 -3.88 24.85 3.40
C THR D 17 -3.38 26.12 4.08
N LYS D 18 -4.25 27.12 4.11
CA LYS D 18 -3.94 28.46 4.63
C LYS D 18 -3.89 28.54 6.15
N PRO D 19 -4.87 28.00 6.90
CA PRO D 19 -4.89 28.20 8.36
C PRO D 19 -3.56 27.87 9.03
N PRO D 20 -2.90 26.75 8.68
CA PRO D 20 -1.61 26.49 9.35
C PRO D 20 -0.55 27.54 9.07
N CYS D 21 -0.47 28.05 7.83
CA CYS D 21 0.51 29.08 7.51
C CYS D 21 0.18 30.40 8.18
N ARG D 22 -1.11 30.74 8.24
CA ARG D 22 -1.53 31.95 8.94
C ARG D 22 -1.18 31.87 10.42
N LYS D 23 -1.33 30.70 11.02
CA LYS D 23 -1.03 30.54 12.44
C LYS D 23 0.45 30.70 12.72
N ALA D 24 1.31 30.12 11.88
CA ALA D 24 2.75 30.25 12.08
C ALA D 24 3.20 31.69 11.83
N CYS D 25 2.62 32.35 10.83
CA CYS D 25 3.01 33.74 10.55
C CYS D 25 2.58 34.68 11.66
N ILE D 26 1.45 34.42 12.31
CA ILE D 26 1.03 35.26 13.42
C ILE D 26 1.98 35.09 14.61
N SER D 27 2.47 33.87 14.84
CA SER D 27 3.43 33.65 15.91
C SER D 27 4.74 34.41 15.67
N GLU D 28 5.10 34.62 14.40
CA GLU D 28 6.24 35.44 14.04
C GLU D 28 5.92 36.93 14.06
N LYS D 29 4.80 37.31 14.67
CA LYS D 29 4.38 38.70 14.81
C LYS D 29 4.07 39.34 13.47
N PHE D 30 3.33 38.62 12.62
CA PHE D 30 2.74 39.15 11.41
C PHE D 30 1.21 39.10 11.56
N THR D 31 0.51 39.48 10.49
CA THR D 31 -0.94 39.52 10.53
C THR D 31 -1.61 38.39 9.74
N ASP D 32 -0.96 37.86 8.71
CA ASP D 32 -1.57 36.81 7.91
C ASP D 32 -0.47 36.03 7.20
N GLY D 33 -0.87 34.89 6.64
CA GLY D 33 0.05 34.07 5.86
C GLY D 33 -0.70 33.33 4.79
N HIS D 34 0.00 33.02 3.69
CA HIS D 34 -0.58 32.27 2.59
C HIS D 34 0.52 31.50 1.88
N CYS D 35 0.11 30.46 1.18
CA CYS D 35 1.06 29.58 0.51
C CYS D 35 1.49 30.14 -0.83
N SER D 36 2.74 29.83 -1.22
CA SER D 36 3.16 30.08 -2.59
C SER D 36 2.52 29.04 -3.51
N LYS D 37 2.48 29.38 -4.81
CA LYS D 37 1.64 28.62 -5.73
C LYS D 37 2.22 27.25 -6.03
N ILE D 38 3.50 27.19 -6.40
CA ILE D 38 4.07 25.93 -6.90
C ILE D 38 4.89 25.24 -5.81
N LEU D 39 5.91 25.94 -5.29
CA LEU D 39 6.78 25.33 -4.30
C LEU D 39 6.16 25.27 -2.91
N ARG D 40 4.98 25.86 -2.73
CA ARG D 40 4.19 25.72 -1.50
C ARG D 40 4.97 26.23 -0.29
N ARG D 41 5.50 27.43 -0.40
CA ARG D 41 6.19 28.08 0.70
C ARG D 41 5.23 28.96 1.48
N CYS D 42 5.32 28.92 2.80
CA CYS D 42 4.47 29.74 3.66
C CYS D 42 5.03 31.16 3.69
N LEU D 43 4.30 32.10 3.10
CA LEU D 43 4.72 33.49 3.01
C LEU D 43 3.94 34.32 4.02
N CYS D 44 4.67 35.07 4.84
CA CYS D 44 4.05 35.91 5.87
C CYS D 44 3.87 37.32 5.35
N THR D 45 2.74 37.93 5.72
CA THR D 45 2.42 39.28 5.31
C THR D 45 2.05 40.11 6.53
N LYS D 46 2.26 41.42 6.41
CA LYS D 46 1.87 42.38 7.44
C LYS D 46 1.84 43.77 6.82
N PRO D 47 1.12 44.71 7.40
CA PRO D 47 1.13 46.08 6.88
C PRO D 47 2.53 46.67 6.96
N CYS D 48 2.97 47.28 5.86
CA CYS D 48 4.26 47.93 5.82
C CYS D 48 4.31 49.13 6.77
N ALA E 1 40.23 31.32 -4.12
CA ALA E 1 39.13 30.92 -3.25
C ALA E 1 37.79 31.17 -3.92
N ARG E 2 36.78 31.46 -3.10
CA ARG E 2 35.44 31.71 -3.61
C ARG E 2 35.36 33.10 -4.23
N GLU E 3 34.44 33.25 -5.17
CA GLU E 3 34.25 34.50 -5.92
C GLU E 3 32.91 35.11 -5.55
N CYS E 4 32.94 36.25 -4.87
CA CYS E 4 31.73 36.99 -4.54
C CYS E 4 31.39 37.95 -5.68
N LYS E 5 30.09 38.07 -5.95
CA LYS E 5 29.61 38.79 -7.12
C LYS E 5 28.52 39.78 -6.72
N THR E 6 28.56 40.95 -7.36
CA THR E 6 27.48 41.92 -7.23
C THR E 6 27.44 42.78 -8.48
N GLU E 7 26.26 43.28 -8.80
CA GLU E 7 26.11 44.14 -9.97
C GLU E 7 26.87 45.44 -9.77
N SER E 8 27.16 46.13 -10.88
CA SER E 8 27.81 47.43 -10.83
C SER E 8 26.76 48.51 -10.54
N ASN E 9 27.16 49.48 -9.73
CA ASN E 9 26.30 50.63 -9.44
C ASN E 9 26.75 51.89 -10.16
N THR E 10 27.64 51.77 -11.14
CA THR E 10 28.11 52.91 -11.91
C THR E 10 28.10 52.69 -13.42
N PHE E 11 27.93 51.47 -13.90
CA PHE E 11 28.03 51.20 -15.33
C PHE E 11 26.80 51.72 -16.06
N PRO E 12 26.95 52.57 -17.07
CA PRO E 12 25.78 53.03 -17.82
C PRO E 12 25.53 52.23 -19.08
N GLY E 13 24.27 52.04 -19.44
CA GLY E 13 23.92 51.43 -20.70
C GLY E 13 24.08 49.93 -20.73
N ILE E 14 24.05 49.38 -21.94
CA ILE E 14 24.15 47.94 -22.16
C ILE E 14 25.60 47.49 -22.01
N CYS E 15 25.79 46.35 -21.36
CA CYS E 15 27.11 45.75 -21.20
C CYS E 15 27.38 44.89 -22.43
N ILE E 16 28.12 45.43 -23.39
CA ILE E 16 28.46 44.74 -24.62
C ILE E 16 29.86 44.17 -24.56
N THR E 17 30.86 45.01 -24.31
CA THR E 17 32.25 44.60 -24.19
C THR E 17 32.69 44.57 -22.73
N LYS E 18 33.64 43.67 -22.43
CA LYS E 18 34.19 43.40 -21.10
C LYS E 18 35.05 44.54 -20.54
N PRO E 19 36.01 45.09 -21.29
CA PRO E 19 36.93 46.11 -20.72
C PRO E 19 36.20 47.27 -20.05
N PRO E 20 35.12 47.82 -20.64
CA PRO E 20 34.42 48.91 -19.94
C PRO E 20 33.79 48.48 -18.62
N CYS E 21 33.26 47.25 -18.55
CA CYS E 21 32.67 46.78 -17.30
C CYS E 21 33.73 46.48 -16.26
N ARG E 22 34.83 45.84 -16.67
CA ARG E 22 35.95 45.61 -15.76
C ARG E 22 36.51 46.93 -15.25
N LYS E 23 36.63 47.92 -16.14
CA LYS E 23 37.16 49.22 -15.73
C LYS E 23 36.25 49.89 -14.71
N ALA E 24 34.94 49.76 -14.86
CA ALA E 24 34.03 50.35 -13.90
C ALA E 24 34.02 49.58 -12.59
N CYS E 25 34.18 48.27 -12.63
CA CYS E 25 34.19 47.47 -11.41
C CYS E 25 35.46 47.72 -10.60
N ILE E 26 36.60 47.87 -11.27
CA ILE E 26 37.84 48.15 -10.56
C ILE E 26 37.77 49.52 -9.86
N SER E 27 37.08 50.49 -10.47
CA SER E 27 36.87 51.76 -9.81
C SER E 27 35.97 51.60 -8.59
N GLU E 28 35.05 50.64 -8.62
CA GLU E 28 34.18 50.34 -7.48
C GLU E 28 34.86 49.42 -6.46
N LYS E 29 36.19 49.34 -6.50
CA LYS E 29 36.99 48.57 -5.55
C LYS E 29 36.76 47.06 -5.68
N PHE E 30 36.53 46.58 -6.90
CA PHE E 30 36.46 45.16 -7.20
C PHE E 30 37.62 44.76 -8.11
N THR E 31 37.85 43.45 -8.22
CA THR E 31 39.00 42.96 -8.96
C THR E 31 38.71 42.74 -10.44
N ASP E 32 37.46 42.51 -10.83
CA ASP E 32 37.14 42.25 -12.23
C ASP E 32 35.66 42.52 -12.46
N GLY E 33 35.30 42.59 -13.74
CA GLY E 33 33.92 42.77 -14.12
C GLY E 33 33.64 42.05 -15.42
N HIS E 34 32.38 41.62 -15.56
CA HIS E 34 31.96 40.94 -16.79
C HIS E 34 30.47 41.18 -17.00
N CYS E 35 30.04 40.96 -18.24
CA CYS E 35 28.66 41.20 -18.63
C CYS E 35 27.81 39.95 -18.41
N SER E 36 26.60 40.14 -17.91
CA SER E 36 25.63 39.05 -17.90
C SER E 36 25.23 38.70 -19.32
N LYS E 37 24.83 37.44 -19.52
CA LYS E 37 24.71 36.90 -20.87
C LYS E 37 23.38 37.20 -21.55
N ILE E 38 22.31 37.43 -20.79
CA ILE E 38 20.98 37.61 -21.35
C ILE E 38 20.54 39.08 -21.26
N LEU E 39 20.59 39.66 -20.08
CA LEU E 39 20.19 41.05 -19.89
C LEU E 39 21.33 42.03 -20.10
N ARG E 40 22.57 41.53 -20.24
CA ARG E 40 23.74 42.37 -20.47
C ARG E 40 23.93 43.40 -19.35
N ARG E 41 23.98 42.89 -18.12
CA ARG E 41 24.26 43.71 -16.95
C ARG E 41 25.72 43.55 -16.54
N CYS E 42 26.38 44.67 -16.24
CA CYS E 42 27.76 44.64 -15.79
C CYS E 42 27.81 44.15 -14.35
N LEU E 43 28.54 43.05 -14.14
CA LEU E 43 28.63 42.40 -12.83
C LEU E 43 30.07 42.48 -12.33
N CYS E 44 30.23 42.85 -11.07
CA CYS E 44 31.54 43.00 -10.47
C CYS E 44 31.85 41.80 -9.56
N THR E 45 33.08 41.33 -9.64
CA THR E 45 33.51 40.15 -8.88
C THR E 45 34.77 40.49 -8.09
N LYS E 46 34.92 39.81 -6.95
CA LYS E 46 36.10 39.93 -6.11
C LYS E 46 36.12 38.75 -5.14
N PRO E 47 37.28 38.42 -4.58
CA PRO E 47 37.34 37.31 -3.62
C PRO E 47 36.46 37.59 -2.40
N CYS E 48 35.75 36.56 -1.97
CA CYS E 48 34.87 36.68 -0.80
C CYS E 48 35.67 36.92 0.47
N ALA F 1 25.96 48.47 3.45
CA ALA F 1 26.42 48.86 2.12
C ALA F 1 25.94 47.89 1.05
N ARG F 2 26.84 47.53 0.14
CA ARG F 2 26.49 46.66 -0.97
C ARG F 2 26.55 45.19 -0.55
N GLU F 3 25.75 44.37 -1.23
CA GLU F 3 25.60 42.95 -0.90
C GLU F 3 26.25 42.11 -1.98
N CYS F 4 27.22 41.30 -1.58
CA CYS F 4 27.89 40.38 -2.49
C CYS F 4 27.37 38.96 -2.27
N LYS F 5 27.14 38.25 -3.37
CA LYS F 5 26.54 36.93 -3.31
C LYS F 5 27.42 35.90 -4.01
N THR F 6 27.29 34.65 -3.57
CA THR F 6 28.00 33.53 -4.18
C THR F 6 27.25 32.25 -3.82
N GLU F 7 27.49 31.21 -4.61
CA GLU F 7 26.81 29.94 -4.38
C GLU F 7 27.35 29.25 -3.14
N SER F 8 26.46 28.57 -2.42
CA SER F 8 26.84 27.87 -1.20
C SER F 8 27.68 26.64 -1.52
N ASN F 9 28.47 26.21 -0.54
CA ASN F 9 29.30 25.03 -0.66
C ASN F 9 28.85 23.86 0.21
N THR F 10 27.97 24.11 1.19
CA THR F 10 27.53 23.06 2.10
C THR F 10 26.04 22.72 1.96
N PHE F 11 25.27 23.52 1.25
CA PHE F 11 23.84 23.25 1.12
C PHE F 11 23.61 22.11 0.13
N PRO F 12 22.99 21.01 0.55
CA PRO F 12 22.74 19.91 -0.39
C PRO F 12 21.38 20.02 -1.05
N GLY F 13 21.32 19.48 -2.27
CA GLY F 13 20.07 19.32 -2.97
C GLY F 13 19.44 20.61 -3.47
N ILE F 14 18.12 20.54 -3.63
CA ILE F 14 17.33 21.60 -4.27
C ILE F 14 16.89 22.61 -3.21
N CYS F 15 17.11 23.88 -3.50
CA CYS F 15 16.74 24.96 -2.57
C CYS F 15 15.27 25.28 -2.74
N ILE F 16 14.46 24.86 -1.77
CA ILE F 16 13.02 25.12 -1.80
C ILE F 16 12.70 26.25 -0.84
N THR F 17 12.81 25.98 0.46
CA THR F 17 12.57 26.98 1.49
C THR F 17 13.88 27.69 1.83
N LYS F 18 13.74 28.83 2.51
CA LYS F 18 14.85 29.72 2.81
C LYS F 18 15.65 29.35 4.07
N PRO F 19 15.02 28.98 5.19
CA PRO F 19 15.78 28.73 6.43
C PRO F 19 16.91 27.72 6.25
N PRO F 20 16.71 26.60 5.53
CA PRO F 20 17.84 25.68 5.34
C PRO F 20 19.02 26.31 4.61
N CYS F 21 18.74 27.06 3.54
CA CYS F 21 19.81 27.73 2.81
C CYS F 21 20.43 28.84 3.65
N ARG F 22 19.61 29.55 4.42
CA ARG F 22 20.13 30.61 5.27
C ARG F 22 21.02 30.06 6.37
N LYS F 23 20.71 28.86 6.88
CA LYS F 23 21.50 28.30 7.97
C LYS F 23 22.86 27.82 7.47
N ALA F 24 22.91 27.24 6.27
CA ALA F 24 24.18 26.77 5.73
C ALA F 24 25.12 27.93 5.41
N CYS F 25 24.57 29.06 4.95
CA CYS F 25 25.41 30.20 4.62
C CYS F 25 26.02 30.83 5.86
N ILE F 26 25.27 30.86 6.97
CA ILE F 26 25.81 31.39 8.21
C ILE F 26 26.93 30.49 8.72
N SER F 27 26.78 29.16 8.55
CA SER F 27 27.87 28.25 8.89
C SER F 27 29.07 28.45 7.96
N GLU F 28 28.82 28.88 6.72
CA GLU F 28 29.87 29.25 5.78
C GLU F 28 30.39 30.66 6.02
N LYS F 29 30.06 31.27 7.16
CA LYS F 29 30.53 32.60 7.54
C LYS F 29 29.99 33.68 6.60
N PHE F 30 28.71 33.58 6.25
CA PHE F 30 27.97 34.63 5.57
C PHE F 30 26.85 35.12 6.48
N THR F 31 26.13 36.15 6.03
CA THR F 31 25.10 36.77 6.85
C THR F 31 23.69 36.33 6.49
N ASP F 32 23.46 35.86 5.26
CA ASP F 32 22.12 35.49 4.83
C ASP F 32 22.24 34.49 3.69
N GLY F 33 21.13 33.79 3.43
CA GLY F 33 21.05 32.86 2.32
C GLY F 33 19.66 32.82 1.72
N HIS F 34 19.58 32.78 0.39
CA HIS F 34 18.30 32.71 -0.29
C HIS F 34 18.42 31.81 -1.51
N CYS F 35 17.29 31.23 -1.92
CA CYS F 35 17.25 30.34 -3.06
C CYS F 35 17.20 31.13 -4.37
N SER F 36 17.96 30.68 -5.36
CA SER F 36 17.85 31.24 -6.69
C SER F 36 16.49 30.90 -7.27
N LYS F 37 15.91 31.85 -8.02
CA LYS F 37 14.53 31.72 -8.46
C LYS F 37 14.36 30.52 -9.39
N ILE F 38 15.25 30.37 -10.36
CA ILE F 38 15.09 29.36 -11.41
C ILE F 38 15.78 28.06 -11.01
N LEU F 39 17.11 28.06 -11.00
CA LEU F 39 17.87 26.84 -10.77
C LEU F 39 17.71 26.28 -9.37
N ARG F 40 17.11 27.04 -8.45
CA ARG F 40 16.85 26.59 -7.08
C ARG F 40 18.14 26.19 -6.38
N ARG F 41 19.13 27.08 -6.45
CA ARG F 41 20.40 26.91 -5.75
C ARG F 41 20.46 27.83 -4.54
N CYS F 42 21.31 27.47 -3.59
CA CYS F 42 21.46 28.25 -2.36
C CYS F 42 22.53 29.31 -2.58
N LEU F 43 22.12 30.58 -2.58
CA LEU F 43 23.02 31.70 -2.78
C LEU F 43 23.29 32.36 -1.43
N CYS F 44 24.56 32.43 -1.06
CA CYS F 44 24.97 33.07 0.18
C CYS F 44 25.29 34.54 -0.07
N THR F 45 24.85 35.40 0.87
CA THR F 45 25.04 36.84 0.74
C THR F 45 25.70 37.39 1.99
N LYS F 46 26.49 38.44 1.79
CA LYS F 46 27.16 39.16 2.86
C LYS F 46 27.57 40.53 2.34
N PRO F 47 27.80 41.50 3.23
CA PRO F 47 28.26 42.81 2.77
C PRO F 47 29.58 42.71 2.04
N CYS F 48 29.66 43.42 0.91
CA CYS F 48 30.88 43.44 0.11
C CYS F 48 32.03 44.12 0.86
N ALA G 1 -18.29 -5.83 24.09
CA ALA G 1 -19.53 -6.15 23.38
C ALA G 1 -19.30 -6.17 21.88
N ARG G 2 -20.37 -6.42 21.12
CA ARG G 2 -20.33 -6.41 19.67
C ARG G 2 -20.84 -5.07 19.15
N GLU G 3 -20.41 -4.72 17.94
CA GLU G 3 -20.70 -3.44 17.34
C GLU G 3 -21.68 -3.61 16.19
N CYS G 4 -22.83 -2.95 16.28
CA CYS G 4 -23.76 -2.90 15.17
C CYS G 4 -23.34 -1.80 14.20
N LYS G 5 -23.63 -2.02 12.92
CA LYS G 5 -23.25 -1.08 11.87
C LYS G 5 -24.48 -0.64 11.07
N THR G 6 -24.43 0.61 10.62
CA THR G 6 -25.40 1.15 9.68
C THR G 6 -24.80 2.40 9.05
N GLU G 7 -25.12 2.61 7.77
CA GLU G 7 -24.55 3.75 7.06
C GLU G 7 -25.12 5.06 7.59
N SER G 8 -24.26 6.06 7.69
CA SER G 8 -24.68 7.37 8.19
C SER G 8 -25.71 7.99 7.26
N ASN G 9 -26.71 8.65 7.85
CA ASN G 9 -27.72 9.35 7.07
C ASN G 9 -27.33 10.78 6.75
N THR G 10 -26.50 11.41 7.57
CA THR G 10 -26.18 12.82 7.44
C THR G 10 -24.76 13.07 6.93
N PHE G 11 -23.98 12.02 6.67
CA PHE G 11 -22.62 12.21 6.21
C PHE G 11 -22.61 12.54 4.71
N PRO G 12 -22.07 13.68 4.30
CA PRO G 12 -22.00 14.00 2.88
C PRO G 12 -20.71 13.49 2.23
N GLY G 13 -20.82 13.18 0.94
CA GLY G 13 -19.65 12.78 0.18
C GLY G 13 -19.11 11.42 0.59
N ILE G 14 -17.84 11.21 0.25
CA ILE G 14 -17.17 9.96 0.53
C ILE G 14 -16.38 10.09 1.83
N CYS G 15 -16.14 8.96 2.47
CA CYS G 15 -15.48 8.91 3.77
C CYS G 15 -13.98 8.74 3.54
N ILE G 16 -13.20 9.77 3.89
CA ILE G 16 -11.75 9.71 3.77
C ILE G 16 -11.13 9.51 5.14
N THR G 17 -11.25 10.49 6.02
CA THR G 17 -10.70 10.41 7.36
C THR G 17 -11.80 10.05 8.36
N LYS G 18 -11.36 9.57 9.53
CA LYS G 18 -12.31 9.11 10.54
C LYS G 18 -13.05 10.24 11.26
N PRO G 19 -12.37 11.30 11.76
CA PRO G 19 -13.07 12.29 12.60
C PRO G 19 -14.33 12.86 11.97
N PRO G 20 -14.36 13.15 10.66
CA PRO G 20 -15.64 13.61 10.09
C PRO G 20 -16.76 12.59 10.20
N CYS G 21 -16.46 11.31 9.94
CA CYS G 21 -17.49 10.28 10.06
C CYS G 21 -17.89 10.04 11.51
N ARG G 22 -16.91 10.10 12.42
CA ARG G 22 -17.22 9.93 13.85
C ARG G 22 -18.12 11.05 14.35
N LYS G 23 -17.89 12.28 13.88
CA LYS G 23 -18.67 13.42 14.35
C LYS G 23 -20.12 13.31 13.89
N ALA G 24 -20.33 12.99 12.62
CA ALA G 24 -21.70 12.86 12.11
C ALA G 24 -22.42 11.69 12.75
N CYS G 25 -21.71 10.59 13.01
CA CYS G 25 -22.35 9.43 13.63
C CYS G 25 -22.74 9.70 15.06
N ILE G 26 -21.93 10.45 15.80
CA ILE G 26 -22.26 10.77 17.18
C ILE G 26 -23.47 11.70 17.24
N SER G 27 -23.58 12.63 16.29
CA SER G 27 -24.76 13.48 16.22
C SER G 27 -26.02 12.69 15.89
N GLU G 28 -25.88 11.52 15.25
CA GLU G 28 -27.00 10.62 14.99
C GLU G 28 -27.24 9.65 16.13
N LYS G 29 -26.73 9.96 17.33
CA LYS G 29 -26.95 9.15 18.53
C LYS G 29 -26.31 7.76 18.42
N PHE G 30 -25.14 7.72 17.78
CA PHE G 30 -24.27 6.56 17.79
C PHE G 30 -22.98 6.90 18.53
N THR G 31 -22.19 5.87 18.83
CA THR G 31 -20.99 6.05 19.64
C THR G 31 -19.74 6.28 18.82
N ASP G 32 -19.68 5.81 17.58
CA ASP G 32 -18.47 5.94 16.77
C ASP G 32 -18.85 5.83 15.31
N GLY G 33 -17.86 6.07 14.46
CA GLY G 33 -18.04 5.96 13.02
C GLY G 33 -16.71 5.78 12.33
N HIS G 34 -16.73 5.04 11.22
CA HIS G 34 -15.51 4.76 10.47
C HIS G 34 -15.84 4.58 9.00
N CYS G 35 -14.80 4.70 8.18
CA CYS G 35 -14.95 4.60 6.73
C CYS G 35 -14.89 3.15 6.27
N SER G 36 -15.72 2.81 5.29
CA SER G 36 -15.60 1.52 4.63
C SER G 36 -14.38 1.53 3.71
N LYS G 37 -13.77 0.37 3.56
CA LYS G 37 -12.45 0.31 2.91
C LYS G 37 -12.55 0.61 1.42
N ILE G 38 -13.54 0.04 0.73
CA ILE G 38 -13.59 0.11 -0.73
C ILE G 38 -14.49 1.25 -1.18
N LEU G 39 -15.76 1.19 -0.82
CA LEU G 39 -16.73 2.19 -1.28
C LEU G 39 -16.63 3.51 -0.52
N ARG G 40 -15.82 3.57 0.54
CA ARG G 40 -15.58 4.80 1.31
C ARG G 40 -16.89 5.39 1.84
N ARG G 41 -17.68 4.54 2.50
CA ARG G 41 -18.90 4.97 3.15
C ARG G 41 -18.66 5.20 4.64
N CYS G 42 -19.42 6.11 5.22
CA CYS G 42 -19.36 6.38 6.66
C CYS G 42 -20.31 5.43 7.36
N LEU G 43 -19.75 4.52 8.17
CA LEU G 43 -20.52 3.50 8.87
C LEU G 43 -20.56 3.84 10.35
N CYS G 44 -21.75 4.10 10.87
CA CYS G 44 -21.93 4.39 12.28
C CYS G 44 -22.01 3.10 13.09
N THR G 45 -21.39 3.11 14.26
CA THR G 45 -21.31 1.94 15.11
C THR G 45 -21.76 2.28 16.53
N LYS G 46 -22.30 1.29 17.22
CA LYS G 46 -22.67 1.41 18.62
C LYS G 46 -22.68 0.02 19.24
N PRO G 47 -22.47 -0.09 20.55
CA PRO G 47 -22.41 -1.42 21.18
C PRO G 47 -23.71 -2.19 20.98
N CYS G 48 -23.57 -3.50 20.80
CA CYS G 48 -24.70 -4.39 20.59
C CYS G 48 -24.52 -5.69 21.34
N ALA H 1 -37.74 3.04 10.53
CA ALA H 1 -36.91 2.33 11.49
C ALA H 1 -35.60 1.85 10.85
N ARG H 2 -34.49 2.45 11.30
CA ARG H 2 -33.18 2.09 10.77
C ARG H 2 -32.71 0.77 11.36
N GLU H 3 -32.21 -0.10 10.48
CA GLU H 3 -31.72 -1.42 10.87
C GLU H 3 -30.21 -1.41 11.03
N CYS H 4 -29.73 -2.16 12.01
CA CYS H 4 -28.31 -2.31 12.31
C CYS H 4 -27.86 -3.72 11.97
N LYS H 5 -26.56 -3.87 11.71
CA LYS H 5 -26.02 -5.12 11.19
C LYS H 5 -24.75 -5.51 11.94
N THR H 6 -24.60 -6.82 12.16
CA THR H 6 -23.41 -7.39 12.80
C THR H 6 -23.20 -8.79 12.26
N GLU H 7 -21.94 -9.13 11.98
CA GLU H 7 -21.62 -10.49 11.55
C GLU H 7 -21.85 -11.46 12.69
N SER H 8 -22.44 -12.61 12.38
CA SER H 8 -22.70 -13.64 13.38
C SER H 8 -21.39 -14.16 13.97
N ASN H 9 -21.47 -14.62 15.22
CA ASN H 9 -20.33 -15.23 15.89
C ASN H 9 -20.63 -16.65 16.35
N THR H 10 -21.73 -17.25 15.88
CA THR H 10 -22.04 -18.64 16.17
C THR H 10 -22.36 -19.47 14.93
N PHE H 11 -22.59 -18.85 13.79
CA PHE H 11 -22.97 -19.57 12.58
C PHE H 11 -21.80 -20.42 12.08
N PRO H 12 -21.96 -21.73 11.92
CA PRO H 12 -20.88 -22.56 11.40
C PRO H 12 -20.89 -22.67 9.89
N GLY H 13 -19.70 -22.77 9.32
CA GLY H 13 -19.55 -22.97 7.90
C GLY H 13 -19.85 -21.73 7.08
N ILE H 14 -20.04 -21.96 5.78
CA ILE H 14 -20.35 -20.89 4.85
C ILE H 14 -21.85 -20.66 4.83
N CYS H 15 -22.25 -19.47 4.39
CA CYS H 15 -23.66 -19.07 4.36
C CYS H 15 -24.16 -19.23 2.93
N ILE H 16 -24.91 -20.31 2.68
CA ILE H 16 -25.49 -20.55 1.36
C ILE H 16 -26.94 -20.10 1.37
N THR H 17 -27.73 -20.65 2.28
CA THR H 17 -29.14 -20.32 2.40
C THR H 17 -29.40 -19.52 3.67
N LYS H 18 -30.52 -18.77 3.64
CA LYS H 18 -30.83 -17.87 4.74
C LYS H 18 -31.23 -18.58 6.03
N PRO H 19 -32.13 -19.58 6.02
CA PRO H 19 -32.67 -20.11 7.29
C PRO H 19 -31.60 -20.51 8.30
N PRO H 20 -30.53 -21.21 7.90
CA PRO H 20 -29.51 -21.54 8.91
C PRO H 20 -28.85 -20.32 9.53
N CYS H 21 -28.59 -19.28 8.74
CA CYS H 21 -27.99 -18.07 9.29
C CYS H 21 -28.99 -17.28 10.13
N ARG H 22 -30.23 -17.17 9.66
CA ARG H 22 -31.26 -16.49 10.43
C ARG H 22 -31.47 -17.15 11.78
N LYS H 23 -31.44 -18.48 11.83
CA LYS H 23 -31.65 -19.18 13.09
C LYS H 23 -30.54 -18.88 14.09
N ALA H 24 -29.28 -18.89 13.63
CA ALA H 24 -28.18 -18.57 14.52
C ALA H 24 -28.24 -17.13 15.01
N CYS H 25 -28.71 -16.21 14.16
CA CYS H 25 -28.78 -14.80 14.55
C CYS H 25 -29.83 -14.57 15.64
N ILE H 26 -30.98 -15.24 15.52
CA ILE H 26 -32.03 -15.06 16.52
C ILE H 26 -31.55 -15.57 17.88
N SER H 27 -30.80 -16.68 17.89
CA SER H 27 -30.19 -17.16 19.12
C SER H 27 -29.20 -16.15 19.68
N GLU H 28 -28.63 -15.29 18.84
CA GLU H 28 -27.76 -14.21 19.27
C GLU H 28 -28.54 -12.95 19.63
N LYS H 29 -29.84 -13.08 19.92
CA LYS H 29 -30.72 -11.99 20.31
C LYS H 29 -30.94 -10.97 19.20
N PHE H 30 -30.72 -11.37 17.94
CA PHE H 30 -31.04 -10.53 16.79
C PHE H 30 -32.41 -10.92 16.23
N THR H 31 -32.86 -10.18 15.22
CA THR H 31 -34.17 -10.42 14.63
C THR H 31 -34.11 -11.15 13.29
N ASP H 32 -33.00 -11.04 12.57
CA ASP H 32 -32.91 -11.69 11.26
C ASP H 32 -31.45 -11.86 10.90
N GLY H 33 -31.21 -12.73 9.91
CA GLY H 33 -29.88 -12.96 9.39
C GLY H 33 -29.93 -13.26 7.91
N HIS H 34 -28.84 -12.96 7.22
CA HIS H 34 -28.75 -13.21 5.79
C HIS H 34 -27.29 -13.41 5.40
N CYS H 35 -27.09 -13.93 4.20
CA CYS H 35 -25.75 -14.26 3.72
C CYS H 35 -25.14 -13.10 2.95
N SER H 36 -23.83 -12.93 3.12
CA SER H 36 -23.11 -11.98 2.28
C SER H 36 -22.93 -12.56 0.89
N LYS H 37 -22.76 -11.67 -0.09
CA LYS H 37 -22.85 -12.08 -1.49
C LYS H 37 -21.63 -12.88 -1.93
N ILE H 38 -20.44 -12.47 -1.54
CA ILE H 38 -19.22 -13.05 -2.09
C ILE H 38 -18.64 -14.10 -1.15
N LEU H 39 -18.15 -13.68 0.00
CA LEU H 39 -17.51 -14.60 0.94
C LEU H 39 -18.52 -15.42 1.73
N ARG H 40 -19.83 -15.20 1.52
CA ARG H 40 -20.88 -16.01 2.13
C ARG H 40 -20.77 -16.01 3.66
N ARG H 41 -20.74 -14.80 4.23
CA ARG H 41 -20.73 -14.64 5.67
C ARG H 41 -22.15 -14.44 6.20
N CYS H 42 -22.39 -14.92 7.41
CA CYS H 42 -23.70 -14.79 8.06
C CYS H 42 -23.74 -13.45 8.78
N LEU H 43 -24.59 -12.55 8.30
CA LEU H 43 -24.72 -11.20 8.84
C LEU H 43 -26.05 -11.09 9.58
N CYS H 44 -26.00 -10.74 10.85
CA CYS H 44 -27.19 -10.59 11.68
C CYS H 44 -27.68 -9.15 11.65
N THR H 45 -29.00 -8.97 11.66
CA THR H 45 -29.61 -7.66 11.61
C THR H 45 -30.68 -7.53 12.69
N LYS H 46 -30.86 -6.30 13.16
CA LYS H 46 -31.89 -5.97 14.14
C LYS H 46 -32.09 -4.46 14.15
N PRO H 47 -33.26 -3.96 14.56
CA PRO H 47 -33.47 -2.51 14.59
C PRO H 47 -32.49 -1.83 15.55
N CYS H 48 -31.97 -0.70 15.12
CA CYS H 48 -31.03 0.06 15.95
C CYS H 48 -31.76 0.66 17.15
N ALA I 1 7.14 -6.69 21.01
CA ALA I 1 7.84 -5.90 20.01
C ALA I 1 6.96 -5.63 18.80
N ARG I 2 5.65 -5.56 19.02
CA ARG I 2 4.70 -5.30 17.95
C ARG I 2 4.48 -3.80 17.79
N GLU I 3 4.09 -3.41 16.58
CA GLU I 3 3.77 -2.03 16.25
C GLU I 3 2.27 -1.92 16.03
N CYS I 4 1.57 -1.30 16.97
CA CYS I 4 0.15 -1.05 16.83
C CYS I 4 -0.09 0.24 16.08
N LYS I 5 -1.15 0.25 15.27
CA LYS I 5 -1.42 1.35 14.35
C LYS I 5 -2.86 1.83 14.48
N THR I 6 -3.03 3.15 14.41
CA THR I 6 -4.35 3.77 14.43
C THR I 6 -4.25 5.12 13.74
N GLU I 7 -5.40 5.62 13.29
CA GLU I 7 -5.43 6.89 12.58
C GLU I 7 -5.41 8.06 13.55
N SER I 8 -4.74 9.13 13.15
CA SER I 8 -4.71 10.35 13.97
C SER I 8 -6.08 11.02 13.98
N ASN I 9 -6.43 11.62 15.11
CA ASN I 9 -7.67 12.35 15.25
C ASN I 9 -7.47 13.85 15.40
N THR I 10 -6.21 14.33 15.37
CA THR I 10 -5.91 15.75 15.49
C THR I 10 -5.10 16.29 14.32
N PHE I 11 -4.82 15.47 13.32
CA PHE I 11 -4.00 15.90 12.19
C PHE I 11 -4.87 16.58 11.14
N PRO I 12 -4.63 17.85 10.82
CA PRO I 12 -5.43 18.52 9.79
C PRO I 12 -4.86 18.37 8.39
N GLY I 13 -5.76 18.28 7.43
CA GLY I 13 -5.37 18.31 6.04
C GLY I 13 -4.68 17.05 5.54
N ILE I 14 -4.17 17.18 4.32
CA ILE I 14 -3.53 16.06 3.63
C ILE I 14 -2.19 15.74 4.29
N CYS I 15 -1.91 14.45 4.45
CA CYS I 15 -0.64 13.98 4.99
C CYS I 15 0.33 13.77 3.83
N ILE I 16 1.32 14.66 3.70
CA ILE I 16 2.30 14.60 2.63
C ILE I 16 3.67 14.24 3.16
N THR I 17 4.16 14.98 4.15
CA THR I 17 5.47 14.73 4.75
C THR I 17 5.30 14.11 6.13
N LYS I 18 6.34 13.41 6.57
CA LYS I 18 6.29 12.62 7.80
C LYS I 18 6.40 13.42 9.08
N PRO I 19 7.34 14.35 9.22
CA PRO I 19 7.54 15.03 10.53
C PRO I 19 6.26 15.65 11.08
N PRO I 20 5.42 16.30 10.26
CA PRO I 20 4.16 16.83 10.81
C PRO I 20 3.24 15.75 11.38
N CYS I 21 3.10 14.63 10.68
CA CYS I 21 2.26 13.55 11.21
C CYS I 21 2.88 12.91 12.43
N ARG I 22 4.20 12.73 12.43
CA ARG I 22 4.88 12.21 13.62
C ARG I 22 4.72 13.15 14.81
N LYS I 23 4.80 14.46 14.56
CA LYS I 23 4.64 15.42 15.64
C LYS I 23 3.25 15.40 16.23
N ALA I 24 2.23 15.33 15.37
CA ALA I 24 0.85 15.28 15.87
C ALA I 24 0.57 13.98 16.60
N CYS I 25 1.10 12.87 16.09
CA CYS I 25 0.90 11.58 16.75
C CYS I 25 1.59 11.52 18.11
N ILE I 26 2.79 12.08 18.19
CA ILE I 26 3.48 12.18 19.48
C ILE I 26 2.67 13.04 20.45
N SER I 27 2.03 14.09 19.93
CA SER I 27 1.16 14.92 20.76
C SER I 27 -0.03 14.12 21.28
N GLU I 28 -0.49 13.12 20.52
CA GLU I 28 -1.57 12.25 20.95
C GLU I 28 -1.10 11.09 21.82
N LYS I 29 0.07 11.24 22.44
CA LYS I 29 0.65 10.26 23.34
C LYS I 29 1.01 8.95 22.62
N PHE I 30 1.40 9.05 21.35
CA PHE I 30 1.97 7.94 20.61
C PHE I 30 3.47 8.18 20.45
N THR I 31 4.14 7.24 19.75
CA THR I 31 5.59 7.31 19.61
C THR I 31 6.05 7.72 18.21
N ASP I 32 5.23 7.53 17.19
CA ASP I 32 5.64 7.87 15.83
C ASP I 32 4.39 8.01 14.96
N GLY I 33 4.59 8.56 13.78
CA GLY I 33 3.50 8.74 12.83
C GLY I 33 4.01 8.73 11.41
N HIS I 34 3.14 8.34 10.49
CA HIS I 34 3.48 8.30 9.07
C HIS I 34 2.21 8.44 8.26
N CYS I 35 2.37 8.77 6.98
CA CYS I 35 1.25 8.97 6.09
C CYS I 35 0.88 7.68 5.37
N SER I 36 -0.39 7.58 5.00
CA SER I 36 -0.85 6.46 4.19
C SER I 36 -0.47 6.67 2.73
N LYS I 37 -0.43 5.58 1.98
CA LYS I 37 0.13 5.62 0.63
C LYS I 37 -0.86 6.18 -0.39
N ILE I 38 -2.15 5.91 -0.22
CA ILE I 38 -3.13 6.29 -1.23
C ILE I 38 -3.95 7.50 -0.77
N LEU I 39 -4.65 7.36 0.35
CA LEU I 39 -5.57 8.40 0.80
C LEU I 39 -4.92 9.47 1.66
N ARG I 40 -3.61 9.42 1.86
CA ARG I 40 -2.87 10.46 2.56
C ARG I 40 -3.41 10.70 3.97
N ARG I 41 -3.62 9.61 4.70
CA ARG I 41 -4.07 9.67 6.08
C ARG I 41 -2.87 9.59 7.01
N CYS I 42 -2.91 10.36 8.09
CA CYS I 42 -1.84 10.34 9.09
C CYS I 42 -2.12 9.22 10.09
N LEU I 43 -1.25 8.23 10.13
CA LEU I 43 -1.41 7.06 10.98
C LEU I 43 -0.42 7.16 12.14
N CYS I 44 -0.91 6.92 13.36
CA CYS I 44 -0.08 6.93 14.55
C CYS I 44 0.30 5.51 14.95
N THR I 45 1.54 5.35 15.40
CA THR I 45 2.05 4.05 15.82
C THR I 45 2.66 4.15 17.21
N LYS I 46 2.66 3.00 17.92
CA LYS I 46 3.27 2.88 19.24
C LYS I 46 3.44 1.40 19.56
N PRO I 47 4.40 1.03 20.41
CA PRO I 47 4.57 -0.38 20.73
C PRO I 47 3.41 -0.93 21.53
N CYS I 48 3.18 -2.23 21.39
CA CYS I 48 2.10 -2.92 22.09
C CYS I 48 2.40 -4.40 22.24
N ALA J 1 -15.17 2.95 19.30
CA ALA J 1 -13.97 3.35 20.03
C ALA J 1 -12.75 3.40 19.12
N ARG J 2 -11.74 4.16 19.54
CA ARG J 2 -10.49 4.24 18.80
C ARG J 2 -9.65 3.01 19.10
N GLU J 3 -9.26 2.27 18.05
CA GLU J 3 -8.60 0.99 18.19
C GLU J 3 -7.24 1.02 17.52
N CYS J 4 -6.23 0.48 18.21
CA CYS J 4 -4.94 0.23 17.61
C CYS J 4 -4.96 -1.11 16.89
N LYS J 5 -4.25 -1.20 15.77
CA LYS J 5 -4.28 -2.38 14.91
C LYS J 5 -2.89 -2.95 14.70
N THR J 6 -2.83 -4.28 14.60
CA THR J 6 -1.64 -4.99 14.19
C THR J 6 -2.06 -6.38 13.70
N GLU J 7 -1.30 -6.93 12.78
CA GLU J 7 -1.66 -8.21 12.20
C GLU J 7 -1.34 -9.36 13.15
N SER J 8 -2.20 -10.37 13.13
CA SER J 8 -2.04 -11.53 14.01
C SER J 8 -0.79 -12.31 13.65
N ASN J 9 -0.01 -12.69 14.66
CA ASN J 9 1.18 -13.51 14.43
C ASN J 9 0.84 -14.98 14.25
N THR J 10 -0.28 -15.45 14.79
CA THR J 10 -0.57 -16.86 14.85
C THR J 10 -1.74 -17.30 13.97
N PHE J 11 -2.54 -16.38 13.47
CA PHE J 11 -3.71 -16.76 12.68
C PHE J 11 -3.29 -17.42 11.37
N PRO J 12 -3.70 -18.64 11.10
CA PRO J 12 -3.34 -19.27 9.82
C PRO J 12 -4.44 -19.11 8.77
N GLY J 13 -4.07 -19.19 7.50
CA GLY J 13 -5.04 -19.19 6.43
C GLY J 13 -5.68 -17.84 6.18
N ILE J 14 -6.63 -17.84 5.26
CA ILE J 14 -7.33 -16.64 4.84
C ILE J 14 -8.33 -16.22 5.92
N CYS J 15 -8.39 -14.93 6.20
CA CYS J 15 -9.34 -14.38 7.15
C CYS J 15 -10.66 -14.11 6.43
N ILE J 16 -11.63 -15.00 6.63
CA ILE J 16 -12.96 -14.88 6.03
C ILE J 16 -13.98 -14.46 7.08
N THR J 17 -14.20 -15.29 8.09
CA THR J 17 -15.09 -14.98 9.20
C THR J 17 -14.30 -14.42 10.38
N LYS J 18 -14.97 -13.56 11.17
CA LYS J 18 -14.46 -12.86 12.34
C LYS J 18 -14.07 -13.77 13.51
N PRO J 19 -14.92 -14.72 13.92
CA PRO J 19 -14.62 -15.50 15.14
C PRO J 19 -13.24 -16.16 15.11
N PRO J 20 -12.83 -16.81 14.01
CA PRO J 20 -11.48 -17.41 14.04
C PRO J 20 -10.37 -16.38 14.23
N CYS J 21 -10.50 -15.20 13.62
CA CYS J 21 -9.50 -14.16 13.82
C CYS J 21 -9.57 -13.60 15.23
N ARG J 22 -10.78 -13.40 15.76
CA ARG J 22 -10.92 -12.93 17.13
C ARG J 22 -10.31 -13.91 18.11
N LYS J 23 -10.46 -15.21 17.85
CA LYS J 23 -9.94 -16.23 18.76
C LYS J 23 -8.41 -16.19 18.83
N ALA J 24 -7.76 -16.04 17.67
CA ALA J 24 -6.30 -15.97 17.66
C ALA J 24 -5.80 -14.68 18.28
N CYS J 25 -6.52 -13.58 18.06
CA CYS J 25 -6.08 -12.29 18.59
C CYS J 25 -6.23 -12.22 20.11
N ILE J 26 -7.32 -12.80 20.64
CA ILE J 26 -7.50 -12.83 22.09
C ILE J 26 -6.41 -13.68 22.73
N SER J 27 -6.03 -14.78 22.08
CA SER J 27 -4.93 -15.60 22.57
C SER J 27 -3.60 -14.85 22.52
N GLU J 28 -3.49 -13.85 21.65
CA GLU J 28 -2.31 -12.99 21.59
C GLU J 28 -2.44 -11.75 22.49
N LYS J 29 -3.31 -11.83 23.50
CA LYS J 29 -3.50 -10.76 24.49
C LYS J 29 -4.03 -9.47 23.86
N PHE J 30 -4.95 -9.61 22.90
CA PHE J 30 -5.63 -8.48 22.32
C PHE J 30 -7.13 -8.55 22.61
N THR J 31 -7.79 -7.40 22.47
CA THR J 31 -9.21 -7.33 22.82
C THR J 31 -10.07 -8.05 21.78
N ASP J 32 -9.82 -7.82 20.51
CA ASP J 32 -10.66 -8.36 19.45
C ASP J 32 -9.81 -8.57 18.20
N GLY J 33 -10.44 -9.13 17.17
CA GLY J 33 -9.79 -9.29 15.88
C GLY J 33 -10.81 -9.26 14.78
N HIS J 34 -10.39 -8.76 13.62
CA HIS J 34 -11.27 -8.68 12.46
C HIS J 34 -10.45 -8.85 11.19
N CYS J 35 -11.15 -9.17 10.10
CA CYS J 35 -10.52 -9.40 8.81
C CYS J 35 -10.43 -8.09 8.02
N SER J 36 -9.30 -7.89 7.35
CA SER J 36 -9.17 -6.75 6.45
C SER J 36 -10.04 -6.98 5.22
N LYS J 37 -10.71 -5.91 4.76
CA LYS J 37 -11.73 -6.05 3.73
C LYS J 37 -11.13 -6.55 2.41
N ILE J 38 -9.95 -6.06 2.05
CA ILE J 38 -9.40 -6.32 0.73
C ILE J 38 -8.44 -7.51 0.75
N LEU J 39 -7.37 -7.41 1.51
CA LEU J 39 -6.34 -8.46 1.52
C LEU J 39 -6.72 -9.66 2.36
N ARG J 40 -7.82 -9.61 3.11
CA ARG J 40 -8.31 -10.72 3.91
C ARG J 40 -7.26 -11.19 4.91
N ARG J 41 -6.81 -10.25 5.74
CA ARG J 41 -5.82 -10.51 6.78
C ARG J 41 -6.44 -10.32 8.15
N CYS J 42 -6.01 -11.15 9.10
CA CYS J 42 -6.53 -11.09 10.47
C CYS J 42 -5.79 -10.00 11.24
N LEU J 43 -6.51 -8.93 11.57
CA LEU J 43 -5.94 -7.80 12.29
C LEU J 43 -6.44 -7.80 13.72
N CYS J 44 -5.52 -7.73 14.68
CA CYS J 44 -5.87 -7.68 16.09
C CYS J 44 -6.02 -6.25 16.54
N THR J 45 -6.95 -6.03 17.47
CA THR J 45 -7.29 -4.69 17.93
C THR J 45 -7.36 -4.66 19.45
N LYS J 46 -7.06 -3.49 20.01
CA LYS J 46 -7.22 -3.20 21.43
C LYS J 46 -7.50 -1.71 21.56
N PRO J 47 -8.22 -1.30 22.61
CA PRO J 47 -8.59 0.12 22.73
C PRO J 47 -7.38 1.03 22.78
N CYS J 48 -7.54 2.22 22.20
CA CYS J 48 -6.48 3.22 22.17
C CYS J 48 -7.06 4.63 22.25
N ALA K 1 25.98 -7.35 4.89
CA ALA K 1 25.62 -8.00 3.63
C ALA K 1 24.17 -7.72 3.26
N ARG K 2 23.34 -7.52 4.28
CA ARG K 2 21.93 -7.21 4.09
C ARG K 2 21.67 -5.80 4.60
N GLU K 3 20.99 -4.99 3.78
CA GLU K 3 20.69 -3.62 4.12
C GLU K 3 19.28 -3.53 4.72
N CYS K 4 19.19 -3.01 5.93
CA CYS K 4 17.90 -2.76 6.57
C CYS K 4 17.42 -1.36 6.22
N LYS K 5 16.13 -1.11 6.46
CA LYS K 5 15.49 0.09 5.93
C LYS K 5 14.40 0.57 6.88
N THR K 6 14.31 1.89 7.02
CA THR K 6 13.19 2.53 7.72
C THR K 6 13.12 3.98 7.26
N GLU K 7 11.96 4.59 7.46
CA GLU K 7 11.74 5.96 7.02
C GLU K 7 12.35 6.95 8.01
N SER K 8 12.90 8.04 7.47
CA SER K 8 13.52 9.06 8.30
C SER K 8 12.48 9.79 9.14
N ASN K 9 12.82 10.02 10.41
CA ASN K 9 11.93 10.75 11.31
C ASN K 9 12.14 12.26 11.25
N THR K 10 13.26 12.72 10.69
CA THR K 10 13.60 14.13 10.72
C THR K 10 13.62 14.80 9.35
N PHE K 11 13.65 14.04 8.26
CA PHE K 11 13.77 14.62 6.93
C PHE K 11 12.52 15.43 6.60
N PRO K 12 12.65 16.72 6.30
CA PRO K 12 11.49 17.53 5.93
C PRO K 12 11.30 17.60 4.41
N GLY K 13 10.06 17.85 4.02
CA GLY K 13 9.75 18.05 2.62
C GLY K 13 9.77 16.75 1.82
N ILE K 14 9.56 16.91 0.51
CA ILE K 14 9.52 15.79 -0.41
C ILE K 14 10.93 15.35 -0.75
N CYS K 15 11.17 14.04 -0.74
CA CYS K 15 12.48 13.48 -1.07
C CYS K 15 12.64 13.49 -2.59
N ILE K 16 13.51 14.38 -3.09
CA ILE K 16 13.78 14.49 -4.51
C ILE K 16 15.22 14.08 -4.83
N THR K 17 16.18 14.85 -4.35
CA THR K 17 17.59 14.49 -4.46
C THR K 17 18.04 13.69 -3.24
N LYS K 18 18.97 12.75 -3.48
CA LYS K 18 19.54 11.85 -2.49
C LYS K 18 20.32 12.54 -1.38
N PRO K 19 21.25 13.47 -1.68
CA PRO K 19 22.13 14.02 -0.63
C PRO K 19 21.37 14.56 0.57
N PRO K 20 20.28 15.34 0.38
CA PRO K 20 19.53 15.78 1.58
C PRO K 20 18.98 14.64 2.41
N CYS K 21 18.59 13.54 1.78
CA CYS K 21 18.08 12.40 2.54
C CYS K 21 19.21 11.65 3.24
N ARG K 22 20.35 11.48 2.57
CA ARG K 22 21.50 10.83 3.18
C ARG K 22 21.97 11.61 4.40
N LYS K 23 22.00 12.94 4.31
CA LYS K 23 22.45 13.76 5.43
C LYS K 23 21.53 13.59 6.64
N ALA K 24 20.21 13.64 6.42
CA ALA K 24 19.28 13.48 7.52
C ALA K 24 19.37 12.09 8.12
N CYS K 25 19.61 11.08 7.29
CA CYS K 25 19.69 9.70 7.79
C CYS K 25 20.97 9.46 8.57
N ILE K 26 22.10 10.00 8.10
CA ILE K 26 23.35 9.86 8.84
C ILE K 26 23.23 10.56 10.19
N SER K 27 22.51 11.68 10.23
CA SER K 27 22.26 12.34 11.51
C SER K 27 21.43 11.48 12.44
N GLU K 28 20.55 10.64 11.87
CA GLU K 28 19.76 9.70 12.65
C GLU K 28 20.49 8.38 12.92
N LYS K 29 21.82 8.40 12.83
CA LYS K 29 22.67 7.24 13.17
C LYS K 29 22.49 6.08 12.19
N PHE K 30 22.21 6.39 10.93
CA PHE K 30 22.21 5.40 9.85
C PHE K 30 23.41 5.65 8.93
N THR K 31 23.64 4.70 8.03
CA THR K 31 24.81 4.76 7.16
C THR K 31 24.54 5.41 5.81
N ASP K 32 23.28 5.48 5.38
CA ASP K 32 22.95 6.08 4.09
C ASP K 32 21.45 6.33 4.05
N GLY K 33 21.03 7.08 3.03
CA GLY K 33 19.62 7.32 2.80
C GLY K 33 19.35 7.49 1.32
N HIS K 34 18.09 7.26 0.95
CA HIS K 34 17.68 7.39 -0.44
C HIS K 34 16.18 7.61 -0.49
N CYS K 35 15.73 8.17 -1.61
CA CYS K 35 14.32 8.46 -1.80
C CYS K 35 13.59 7.23 -2.36
N SER K 36 12.33 7.11 -1.98
CA SER K 36 11.46 6.11 -2.59
C SER K 36 11.03 6.60 -3.98
N LYS K 37 10.84 5.65 -4.89
CA LYS K 37 10.63 6.00 -6.29
C LYS K 37 9.28 6.67 -6.51
N ILE K 38 8.24 6.18 -5.83
CA ILE K 38 6.86 6.60 -6.11
C ILE K 38 6.41 7.67 -5.12
N LEU K 39 6.40 7.33 -3.84
CA LEU K 39 5.90 8.26 -2.84
C LEU K 39 6.91 9.34 -2.45
N ARG K 40 8.16 9.22 -2.89
CA ARG K 40 9.21 10.20 -2.65
C ARG K 40 9.39 10.46 -1.15
N ARG K 41 9.82 9.40 -0.46
CA ARG K 41 10.05 9.45 0.97
C ARG K 41 11.50 9.07 1.27
N CYS K 42 12.08 9.74 2.27
CA CYS K 42 13.46 9.50 2.64
C CYS K 42 13.56 8.23 3.47
N LEU K 43 14.23 7.21 2.92
CA LEU K 43 14.38 5.92 3.57
C LEU K 43 15.82 5.75 4.01
N CYS K 44 16.01 5.58 5.32
CA CYS K 44 17.34 5.38 5.87
C CYS K 44 17.74 3.92 5.79
N THR K 45 19.03 3.67 5.61
CA THR K 45 19.56 2.33 5.45
C THR K 45 20.77 2.13 6.35
N LYS K 46 20.98 0.88 6.76
CA LYS K 46 22.10 0.48 7.58
C LYS K 46 22.22 -1.03 7.51
N PRO K 47 23.41 -1.59 7.73
CA PRO K 47 23.55 -3.06 7.72
C PRO K 47 22.70 -3.70 8.79
N CYS K 48 21.97 -4.74 8.42
CA CYS K 48 21.13 -5.47 9.37
C CYS K 48 21.98 -6.20 10.40
N ALA L 1 10.51 1.99 19.87
CA ALA L 1 11.76 1.94 19.13
C ALA L 1 11.51 2.06 17.64
N ARG L 2 12.56 1.91 16.85
CA ARG L 2 12.48 1.98 15.39
C ARG L 2 12.52 0.59 14.79
N GLU L 3 11.73 0.38 13.74
CA GLU L 3 11.59 -0.93 13.09
C GLU L 3 12.25 -0.88 11.73
N CYS L 4 13.22 -1.76 11.51
CA CYS L 4 13.93 -1.86 10.24
C CYS L 4 13.43 -3.05 9.43
N LYS L 5 13.41 -2.89 8.11
CA LYS L 5 12.77 -3.83 7.21
C LYS L 5 13.69 -4.18 6.05
N THR L 6 13.67 -5.45 5.65
CA THR L 6 14.38 -5.90 4.46
C THR L 6 13.68 -7.15 3.95
N GLU L 7 13.82 -7.40 2.64
CA GLU L 7 13.18 -8.54 2.01
C GLU L 7 13.94 -9.82 2.36
N SER L 8 13.19 -10.90 2.59
CA SER L 8 13.80 -12.18 2.87
C SER L 8 14.33 -12.81 1.60
N ASN L 9 15.25 -13.76 1.78
CA ASN L 9 15.83 -14.50 0.66
C ASN L 9 15.54 -15.99 0.70
N THR L 10 14.92 -16.50 1.77
CA THR L 10 14.62 -17.91 1.87
C THR L 10 13.14 -18.24 1.67
N PHE L 11 12.26 -17.26 1.79
CA PHE L 11 10.83 -17.52 1.65
C PHE L 11 10.50 -17.84 0.19
N PRO L 12 9.93 -19.01 -0.09
CA PRO L 12 9.58 -19.36 -1.47
C PRO L 12 8.14 -19.00 -1.81
N GLY L 13 7.90 -18.79 -3.10
CA GLY L 13 6.57 -18.56 -3.61
C GLY L 13 5.97 -17.23 -3.14
N ILE L 14 4.69 -17.10 -3.43
CA ILE L 14 3.94 -15.91 -3.09
C ILE L 14 3.69 -15.89 -1.58
N CYS L 15 3.63 -14.68 -1.03
CA CYS L 15 3.39 -14.48 0.39
C CYS L 15 1.91 -14.17 0.55
N ILE L 16 1.16 -15.14 1.07
CA ILE L 16 -0.26 -14.92 1.29
C ILE L 16 -0.55 -14.74 2.77
N THR L 17 -0.16 -15.73 3.56
CA THR L 17 -0.40 -15.69 5.00
C THR L 17 0.87 -15.25 5.73
N LYS L 18 0.67 -14.68 6.91
CA LYS L 18 1.78 -14.09 7.66
C LYS L 18 2.64 -15.13 8.37
N PRO L 19 2.11 -16.13 9.07
CA PRO L 19 2.95 -17.06 9.86
C PRO L 19 4.09 -17.67 9.04
N PRO L 20 3.85 -18.13 7.80
CA PRO L 20 4.99 -18.70 7.06
C PRO L 20 6.11 -17.69 6.79
N CYS L 21 5.75 -16.46 6.42
CA CYS L 21 6.78 -15.44 6.21
C CYS L 21 7.43 -15.03 7.53
N ARG L 22 6.64 -14.97 8.61
CA ARG L 22 7.20 -14.68 9.92
C ARG L 22 8.16 -15.78 10.37
N LYS L 23 7.84 -17.03 10.05
CA LYS L 23 8.71 -18.14 10.44
C LYS L 23 10.06 -18.06 9.74
N ALA L 24 10.05 -17.81 8.42
CA ALA L 24 11.31 -17.72 7.68
C ALA L 24 12.14 -16.53 8.12
N CYS L 25 11.50 -15.44 8.53
CA CYS L 25 12.24 -14.27 8.99
C CYS L 25 12.92 -14.53 10.32
N ILE L 26 12.21 -15.18 11.25
CA ILE L 26 12.83 -15.56 12.52
C ILE L 26 13.98 -16.53 12.26
N SER L 27 13.82 -17.41 11.25
CA SER L 27 14.92 -18.28 10.84
C SER L 27 16.09 -17.47 10.29
N GLU L 28 15.81 -16.33 9.64
CA GLU L 28 16.84 -15.44 9.15
C GLU L 28 17.34 -14.47 10.22
N LYS L 29 17.11 -14.79 11.50
CA LYS L 29 17.59 -13.99 12.63
C LYS L 29 16.91 -12.62 12.67
N PHE L 30 15.61 -12.59 12.38
CA PHE L 30 14.79 -11.39 12.51
C PHE L 30 13.71 -11.62 13.56
N THR L 31 12.92 -10.58 13.81
CA THR L 31 11.87 -10.62 14.83
C THR L 31 10.51 -10.98 14.28
N ASP L 32 10.13 -10.44 13.12
CA ASP L 32 8.81 -10.67 12.57
C ASP L 32 8.90 -10.70 11.06
N GLY L 33 7.78 -11.02 10.41
CA GLY L 33 7.69 -11.03 8.97
C GLY L 33 6.27 -10.86 8.49
N HIS L 34 6.08 -10.11 7.40
CA HIS L 34 4.75 -9.87 6.85
C HIS L 34 4.85 -9.83 5.34
N CYS L 35 3.69 -9.90 4.68
CA CYS L 35 3.62 -9.91 3.23
C CYS L 35 3.40 -8.50 2.69
N SER L 36 4.01 -8.20 1.55
CA SER L 36 3.72 -6.95 0.87
C SER L 36 2.32 -7.01 0.25
N LYS L 37 1.73 -5.83 0.08
CA LYS L 37 0.31 -5.72 -0.25
C LYS L 37 0.00 -5.88 -1.72
N ILE L 38 0.97 -5.68 -2.61
CA ILE L 38 0.75 -5.74 -4.06
C ILE L 38 1.47 -6.94 -4.69
N LEU L 39 2.79 -7.00 -4.54
CA LEU L 39 3.56 -8.09 -5.15
C LEU L 39 3.70 -9.29 -4.23
N ARG L 40 3.14 -9.24 -3.01
CA ARG L 40 3.14 -10.38 -2.09
C ARG L 40 4.55 -10.86 -1.79
N ARG L 41 5.43 -9.93 -1.42
CA ARG L 41 6.80 -10.26 -1.05
C ARG L 41 6.89 -10.40 0.47
N CYS L 42 7.67 -11.38 0.91
CA CYS L 42 7.89 -11.59 2.34
C CYS L 42 8.94 -10.62 2.84
N LEU L 43 8.57 -9.80 3.82
CA LEU L 43 9.44 -8.74 4.35
C LEU L 43 9.72 -9.01 5.82
N CYS L 44 10.99 -8.97 6.19
CA CYS L 44 11.42 -9.23 7.56
C CYS L 44 11.67 -7.93 8.30
N THR L 45 11.18 -7.85 9.54
CA THR L 45 11.31 -6.67 10.37
C THR L 45 12.01 -7.02 11.67
N LYS L 46 12.71 -6.04 12.22
CA LYS L 46 13.42 -6.17 13.49
C LYS L 46 13.79 -4.78 13.98
N PRO L 47 14.13 -4.63 15.26
CA PRO L 47 14.61 -3.33 15.75
C PRO L 47 15.87 -2.91 15.02
N CYS L 48 15.97 -1.62 14.73
CA CYS L 48 17.12 -1.07 14.01
C CYS L 48 18.36 -1.05 14.90
N ALA M 1 30.24 -1.12 -25.14
CA ALA M 1 30.61 -0.83 -23.77
C ALA M 1 29.38 -0.85 -22.85
N ARG M 2 29.61 -1.05 -21.56
CA ARG M 2 28.56 -1.10 -20.56
C ARG M 2 28.68 0.10 -19.64
N GLU M 3 27.60 0.86 -19.50
CA GLU M 3 27.60 2.11 -18.75
C GLU M 3 26.94 1.92 -17.40
N CYS M 4 27.59 2.41 -16.35
CA CYS M 4 27.06 2.42 -14.99
C CYS M 4 26.63 3.84 -14.62
N LYS M 5 25.61 3.93 -13.77
CA LYS M 5 24.96 5.21 -13.48
C LYS M 5 24.75 5.36 -11.98
N THR M 6 24.86 6.60 -11.51
CA THR M 6 24.53 6.96 -10.14
C THR M 6 24.19 8.44 -10.11
N GLU M 7 23.39 8.81 -9.11
CA GLU M 7 23.00 10.21 -8.96
C GLU M 7 24.17 11.04 -8.43
N SER M 8 24.28 12.28 -8.92
CA SER M 8 25.33 13.18 -8.46
C SER M 8 25.15 13.50 -6.98
N ASN M 9 26.28 13.70 -6.30
CA ASN M 9 26.27 14.10 -4.89
C ASN M 9 26.87 15.49 -4.69
N THR M 10 27.14 16.24 -5.76
CA THR M 10 27.61 17.61 -5.67
C THR M 10 26.78 18.61 -6.47
N PHE M 11 25.93 18.15 -7.39
CA PHE M 11 25.20 19.07 -8.25
C PHE M 11 24.18 19.88 -7.46
N PRO M 12 24.25 21.21 -7.49
CA PRO M 12 23.27 22.02 -6.76
C PRO M 12 22.06 22.37 -7.62
N GLY M 13 20.90 22.43 -6.97
CA GLY M 13 19.68 22.87 -7.62
C GLY M 13 19.08 21.83 -8.54
N ILE M 14 18.08 22.27 -9.30
CA ILE M 14 17.41 21.41 -10.25
C ILE M 14 18.22 21.32 -11.54
N CYS M 15 18.01 20.24 -12.28
CA CYS M 15 18.74 19.94 -13.50
C CYS M 15 17.86 20.34 -14.69
N ILE M 16 18.15 21.49 -15.27
CA ILE M 16 17.42 21.98 -16.44
C ILE M 16 18.22 21.67 -17.69
N THR M 17 19.45 22.18 -17.74
CA THR M 17 20.36 21.94 -18.85
C THR M 17 21.45 20.96 -18.44
N LYS M 18 21.98 20.25 -19.44
CA LYS M 18 22.99 19.19 -19.37
C LYS M 18 24.36 19.69 -18.89
N PRO M 19 24.93 20.76 -19.46
CA PRO M 19 26.32 21.14 -19.13
C PRO M 19 26.57 21.29 -17.63
N PRO M 20 25.69 21.95 -16.87
CA PRO M 20 25.98 22.07 -15.43
C PRO M 20 26.04 20.73 -14.72
N CYS M 21 25.17 19.79 -15.07
CA CYS M 21 25.22 18.47 -14.46
C CYS M 21 26.43 17.68 -14.95
N ARG M 22 26.73 17.77 -16.24
CA ARG M 22 27.91 17.10 -16.80
C ARG M 22 29.19 17.58 -16.12
N LYS M 23 29.27 18.87 -15.85
CA LYS M 23 30.45 19.43 -15.19
C LYS M 23 30.61 18.86 -13.77
N ALA M 24 29.52 18.83 -13.01
CA ALA M 24 29.60 18.30 -11.65
C ALA M 24 29.95 16.82 -11.65
N CYS M 25 29.37 16.05 -12.59
CA CYS M 25 29.64 14.62 -12.64
C CYS M 25 31.10 14.35 -13.01
N ILE M 26 31.69 15.17 -13.88
CA ILE M 26 33.08 14.98 -14.27
C ILE M 26 34.00 15.29 -13.10
N SER M 27 33.66 16.29 -12.29
CA SER M 27 34.43 16.54 -11.08
C SER M 27 34.31 15.39 -10.10
N GLU M 28 33.21 14.65 -10.16
CA GLU M 28 33.04 13.44 -9.36
C GLU M 28 33.69 12.22 -10.01
N LYS M 29 34.55 12.44 -10.99
CA LYS M 29 35.32 11.38 -11.66
C LYS M 29 34.42 10.46 -12.50
N PHE M 30 33.40 11.04 -13.12
CA PHE M 30 32.59 10.35 -14.11
C PHE M 30 32.82 10.96 -15.48
N THR M 31 32.35 10.27 -16.52
CA THR M 31 32.62 10.71 -17.89
C THR M 31 31.53 11.61 -18.46
N ASP M 32 30.33 11.60 -17.90
CA ASP M 32 29.25 12.43 -18.43
C ASP M 32 28.17 12.57 -17.36
N GLY M 33 27.18 13.40 -17.67
CA GLY M 33 26.04 13.58 -16.81
C GLY M 33 24.87 14.13 -17.59
N HIS M 34 23.66 13.83 -17.13
CA HIS M 34 22.46 14.30 -17.80
C HIS M 34 21.34 14.46 -16.78
N CYS M 35 20.29 15.16 -17.19
CA CYS M 35 19.16 15.45 -16.31
C CYS M 35 18.11 14.36 -16.42
N SER M 36 17.53 13.99 -15.28
CA SER M 36 16.39 13.09 -15.29
C SER M 36 15.19 13.80 -15.90
N LYS M 37 14.27 13.00 -16.45
CA LYS M 37 13.20 13.56 -17.28
C LYS M 37 12.22 14.38 -16.45
N ILE M 38 11.76 13.83 -15.33
CA ILE M 38 10.63 14.42 -14.61
C ILE M 38 11.09 15.23 -13.40
N LEU M 39 11.74 14.58 -12.45
CA LEU M 39 12.14 15.26 -11.22
C LEU M 39 13.40 16.12 -11.38
N ARG M 40 14.02 16.09 -12.56
CA ARG M 40 15.16 16.96 -12.87
C ARG M 40 16.33 16.72 -11.91
N ARG M 41 16.69 15.45 -11.77
CA ARG M 41 17.88 15.07 -11.01
C ARG M 41 19.09 14.98 -11.95
N CYS M 42 20.27 15.14 -11.37
CA CYS M 42 21.53 15.08 -12.11
C CYS M 42 22.10 13.67 -11.97
N LEU M 43 22.07 12.91 -13.07
CA LEU M 43 22.55 11.54 -13.09
C LEU M 43 23.92 11.49 -13.74
N CYS M 44 24.87 10.86 -13.06
CA CYS M 44 26.22 10.70 -13.57
C CYS M 44 26.38 9.32 -14.22
N THR M 45 27.20 9.26 -15.26
CA THR M 45 27.42 8.02 -16.00
C THR M 45 28.89 7.85 -16.30
N LYS M 46 29.34 6.59 -16.30
CA LYS M 46 30.70 6.23 -16.67
C LYS M 46 30.71 4.73 -17.00
N PRO M 47 31.69 4.27 -17.77
CA PRO M 47 31.76 2.85 -18.08
C PRO M 47 31.94 2.01 -16.82
N CYS M 48 31.20 0.89 -16.76
CA CYS M 48 31.29 0.00 -15.62
C CYS M 48 32.67 -0.63 -15.52
N ALA N 1 32.73 4.45 -2.40
CA ALA N 1 31.50 4.57 -1.63
C ALA N 1 30.30 4.79 -2.54
N ARG N 2 30.59 5.10 -3.81
CA ARG N 2 29.53 5.34 -4.78
C ARG N 2 29.02 4.02 -5.34
N GLU N 3 27.69 3.83 -5.28
CA GLU N 3 27.06 2.62 -5.80
C GLU N 3 26.72 2.85 -7.27
N CYS N 4 27.52 2.27 -8.16
CA CYS N 4 27.20 2.30 -9.57
C CYS N 4 26.08 1.33 -9.88
N LYS N 5 25.27 1.66 -10.88
CA LYS N 5 24.04 0.92 -11.15
C LYS N 5 23.81 0.80 -12.65
N THR N 6 23.47 -0.41 -13.09
CA THR N 6 23.09 -0.66 -14.47
C THR N 6 22.17 -1.87 -14.51
N GLU N 7 21.42 -1.98 -15.60
CA GLU N 7 20.46 -3.07 -15.75
C GLU N 7 21.17 -4.37 -16.10
N SER N 8 20.67 -5.46 -15.54
CA SER N 8 21.25 -6.78 -15.81
C SER N 8 21.09 -7.16 -17.27
N ASN N 9 22.06 -7.91 -17.79
CA ASN N 9 22.03 -8.40 -19.16
C ASN N 9 21.59 -9.85 -19.25
N THR N 10 21.54 -10.59 -18.14
CA THR N 10 21.17 -11.99 -18.15
C THR N 10 19.85 -12.28 -17.45
N PHE N 11 19.37 -11.38 -16.60
CA PHE N 11 18.13 -11.61 -15.87
C PHE N 11 16.95 -11.61 -16.83
N PRO N 12 16.18 -12.69 -16.92
CA PRO N 12 15.01 -12.71 -17.80
C PRO N 12 13.74 -12.29 -17.10
N GLY N 13 12.85 -11.67 -17.89
CA GLY N 13 11.51 -11.38 -17.41
C GLY N 13 11.45 -10.20 -16.45
N ILE N 14 10.43 -10.21 -15.62
CA ILE N 14 10.12 -9.11 -14.70
C ILE N 14 10.77 -9.40 -13.34
N CYS N 15 11.31 -8.35 -12.71
CA CYS N 15 11.96 -8.46 -11.41
C CYS N 15 10.91 -8.28 -10.32
N ILE N 16 10.55 -9.38 -9.64
CA ILE N 16 9.62 -9.34 -8.52
C ILE N 16 10.34 -9.44 -7.19
N THR N 17 11.08 -10.55 -6.98
CA THR N 17 11.86 -10.76 -5.77
C THR N 17 13.34 -10.48 -6.03
N LYS N 18 14.04 -10.11 -4.94
CA LYS N 18 15.44 -9.71 -4.95
C LYS N 18 16.42 -10.85 -5.27
N PRO N 19 16.32 -12.01 -4.61
CA PRO N 19 17.33 -13.08 -4.81
C PRO N 19 17.58 -13.41 -6.28
N PRO N 20 16.55 -13.59 -7.12
CA PRO N 20 16.84 -13.91 -8.52
C PRO N 20 17.64 -12.82 -9.24
N CYS N 21 17.37 -11.55 -8.93
CA CYS N 21 18.11 -10.47 -9.56
C CYS N 21 19.52 -10.34 -9.01
N ARG N 22 19.67 -10.48 -7.69
CA ARG N 22 20.99 -10.46 -7.08
C ARG N 22 21.85 -11.62 -7.58
N LYS N 23 21.25 -12.79 -7.74
CA LYS N 23 21.99 -13.95 -8.25
C LYS N 23 22.53 -13.68 -9.65
N ALA N 24 21.67 -13.19 -10.55
CA ALA N 24 22.11 -12.93 -11.92
C ALA N 24 23.13 -11.80 -11.98
N CYS N 25 23.03 -10.83 -11.07
CA CYS N 25 23.97 -9.71 -11.09
C CYS N 25 25.35 -10.14 -10.60
N ILE N 26 25.41 -11.02 -9.61
CA ILE N 26 26.70 -11.52 -9.14
C ILE N 26 27.38 -12.34 -10.22
N SER N 27 26.59 -13.13 -10.95
CA SER N 27 27.13 -13.86 -12.09
C SER N 27 27.67 -12.92 -13.17
N GLU N 28 27.19 -11.68 -13.22
CA GLU N 28 27.71 -10.66 -14.11
C GLU N 28 28.82 -9.84 -13.46
N LYS N 29 29.43 -10.37 -12.40
CA LYS N 29 30.57 -9.74 -11.72
C LYS N 29 30.18 -8.46 -11.00
N PHE N 30 28.93 -8.34 -10.57
CA PHE N 30 28.48 -7.27 -9.71
C PHE N 30 28.33 -7.79 -8.27
N THR N 31 28.22 -6.85 -7.33
CA THR N 31 28.19 -7.22 -5.92
C THR N 31 26.78 -7.42 -5.37
N ASP N 32 25.77 -6.86 -6.03
CA ASP N 32 24.40 -6.99 -5.54
C ASP N 32 23.44 -6.68 -6.68
N GLY N 33 22.15 -6.88 -6.41
CA GLY N 33 21.12 -6.57 -7.37
C GLY N 33 19.81 -6.32 -6.67
N HIS N 34 18.95 -5.53 -7.31
CA HIS N 34 17.63 -5.22 -6.77
C HIS N 34 16.70 -4.85 -7.91
N CYS N 35 15.41 -4.88 -7.62
CA CYS N 35 14.39 -4.57 -8.62
C CYS N 35 14.08 -3.08 -8.62
N SER N 36 13.93 -2.51 -9.81
CA SER N 36 13.40 -1.16 -9.92
C SER N 36 11.95 -1.15 -9.46
N LYS N 37 11.56 -0.04 -8.82
CA LYS N 37 10.29 -0.02 -8.11
C LYS N 37 9.10 -0.07 -9.06
N ILE N 38 9.16 0.67 -10.17
CA ILE N 38 8.00 0.83 -11.03
C ILE N 38 8.11 -0.10 -12.24
N LEU N 39 9.15 0.09 -13.05
CA LEU N 39 9.32 -0.74 -14.24
C LEU N 39 9.71 -2.18 -13.93
N ARG N 40 10.04 -2.47 -12.67
CA ARG N 40 10.39 -3.82 -12.23
C ARG N 40 11.55 -4.40 -13.04
N ARG N 41 12.56 -3.58 -13.30
CA ARG N 41 13.77 -4.03 -13.96
C ARG N 41 14.78 -4.52 -12.94
N CYS N 42 15.64 -5.45 -13.36
CA CYS N 42 16.70 -5.96 -12.52
C CYS N 42 17.94 -5.09 -12.70
N LEU N 43 18.34 -4.41 -11.64
CA LEU N 43 19.46 -3.47 -11.68
C LEU N 43 20.59 -4.01 -10.82
N CYS N 44 21.80 -4.03 -11.39
CA CYS N 44 22.99 -4.52 -10.71
C CYS N 44 23.77 -3.35 -10.12
N THR N 45 24.38 -3.60 -8.96
CA THR N 45 25.11 -2.57 -8.23
C THR N 45 26.51 -3.07 -7.87
N LYS N 46 27.47 -2.15 -7.89
CA LYS N 46 28.83 -2.42 -7.43
C LYS N 46 29.49 -1.08 -7.14
N PRO N 47 30.45 -1.05 -6.22
CA PRO N 47 31.13 0.23 -5.91
C PRO N 47 31.83 0.78 -7.13
N CYS N 48 31.60 2.06 -7.40
CA CYS N 48 32.24 2.74 -8.53
C CYS N 48 33.74 2.85 -8.30
N ALA O 1 -16.63 -50.19 14.79
CA ALA O 1 -16.77 -50.12 13.34
C ALA O 1 -17.73 -49.00 12.93
N ARG O 2 -18.96 -49.07 13.42
CA ARG O 2 -19.96 -48.09 13.04
C ARG O 2 -19.63 -46.73 13.63
N GLU O 3 -19.94 -45.68 12.88
CA GLU O 3 -19.54 -44.32 13.21
C GLU O 3 -20.75 -43.40 13.17
N CYS O 4 -20.93 -42.61 14.22
CA CYS O 4 -21.94 -41.57 14.27
C CYS O 4 -21.27 -40.21 14.34
N LYS O 5 -21.91 -39.21 13.72
CA LYS O 5 -21.34 -37.88 13.64
C LYS O 5 -22.34 -36.85 14.16
N THR O 6 -21.81 -35.65 14.44
CA THR O 6 -22.60 -34.52 14.88
C THR O 6 -21.80 -33.26 14.63
N GLU O 7 -22.50 -32.12 14.60
CA GLU O 7 -21.84 -30.86 14.36
C GLU O 7 -21.03 -30.42 15.57
N SER O 8 -19.85 -29.87 15.32
CA SER O 8 -19.00 -29.39 16.40
C SER O 8 -19.60 -28.16 17.05
N ASN O 9 -19.49 -28.08 18.38
CA ASN O 9 -19.93 -26.92 19.13
C ASN O 9 -18.79 -25.95 19.45
N THR O 10 -17.54 -26.34 19.19
CA THR O 10 -16.37 -25.55 19.54
C THR O 10 -15.66 -24.94 18.33
N PHE O 11 -15.63 -25.64 17.21
CA PHE O 11 -14.88 -25.17 16.05
C PHE O 11 -15.46 -23.86 15.53
N PRO O 12 -14.67 -22.80 15.43
CA PRO O 12 -15.20 -21.53 14.92
C PRO O 12 -14.95 -21.35 13.43
N GLY O 13 -15.89 -20.69 12.75
CA GLY O 13 -15.70 -20.29 11.37
C GLY O 13 -15.88 -21.43 10.38
N ILE O 14 -15.23 -21.26 9.24
CA ILE O 14 -15.35 -22.17 8.10
C ILE O 14 -14.36 -23.32 8.28
N CYS O 15 -14.82 -24.53 7.98
CA CYS O 15 -13.99 -25.73 8.09
C CYS O 15 -13.28 -25.94 6.76
N ILE O 16 -11.97 -25.73 6.75
CA ILE O 16 -11.17 -25.88 5.53
C ILE O 16 -10.25 -27.07 5.66
N THR O 17 -9.31 -27.01 6.59
CA THR O 17 -8.36 -28.09 6.81
C THR O 17 -8.83 -29.00 7.93
N LYS O 18 -8.44 -30.27 7.84
CA LYS O 18 -8.91 -31.27 8.80
C LYS O 18 -8.33 -31.09 10.20
N PRO O 19 -7.03 -30.86 10.39
CA PRO O 19 -6.45 -30.86 11.75
C PRO O 19 -7.20 -29.95 12.73
N PRO O 20 -7.51 -28.70 12.37
CA PRO O 20 -8.24 -27.86 13.35
C PRO O 20 -9.61 -28.42 13.72
N CYS O 21 -10.30 -29.06 12.78
CA CYS O 21 -11.59 -29.65 13.09
C CYS O 21 -11.44 -30.91 13.95
N ARG O 22 -10.41 -31.71 13.67
CA ARG O 22 -10.15 -32.89 14.49
C ARG O 22 -9.73 -32.49 15.90
N LYS O 23 -8.98 -31.39 16.02
CA LYS O 23 -8.50 -30.94 17.33
C LYS O 23 -9.66 -30.51 18.22
N ALA O 24 -10.64 -29.79 17.66
CA ALA O 24 -11.78 -29.36 18.46
C ALA O 24 -12.67 -30.55 18.84
N CYS O 25 -12.85 -31.50 17.92
CA CYS O 25 -13.70 -32.65 18.22
C CYS O 25 -13.08 -33.56 19.26
N ILE O 26 -11.76 -33.75 19.19
CA ILE O 26 -11.08 -34.52 20.24
C ILE O 26 -11.23 -33.83 21.59
N SER O 27 -11.17 -32.49 21.59
CA SER O 27 -11.40 -31.74 22.82
C SER O 27 -12.84 -31.85 23.31
N GLU O 28 -13.77 -32.20 22.43
CA GLU O 28 -15.15 -32.46 22.81
C GLU O 28 -15.39 -33.94 23.12
N LYS O 29 -14.34 -34.67 23.46
CA LYS O 29 -14.38 -36.10 23.80
C LYS O 29 -14.85 -36.97 22.64
N PHE O 30 -14.67 -36.51 21.41
CA PHE O 30 -14.83 -37.35 20.23
C PHE O 30 -13.48 -37.86 19.77
N THR O 31 -13.50 -38.77 18.81
CA THR O 31 -12.27 -39.42 18.36
C THR O 31 -11.69 -38.82 17.08
N ASP O 32 -12.50 -38.10 16.30
CA ASP O 32 -12.01 -37.51 15.06
C ASP O 32 -13.00 -36.44 14.61
N GLY O 33 -12.49 -35.53 13.78
CA GLY O 33 -13.33 -34.50 13.19
C GLY O 33 -12.95 -34.28 11.75
N HIS O 34 -13.94 -33.89 10.95
CA HIS O 34 -13.71 -33.63 9.53
C HIS O 34 -14.73 -32.60 9.05
N CYS O 35 -14.40 -31.98 7.92
CA CYS O 35 -15.24 -30.94 7.35
C CYS O 35 -16.30 -31.53 6.44
N SER O 36 -17.53 -31.03 6.57
CA SER O 36 -18.56 -31.36 5.59
C SER O 36 -18.17 -30.77 4.24
N LYS O 37 -18.46 -31.52 3.18
CA LYS O 37 -17.92 -31.16 1.87
C LYS O 37 -18.53 -29.88 1.33
N ILE O 38 -19.79 -29.59 1.66
CA ILE O 38 -20.50 -28.48 1.03
C ILE O 38 -20.54 -27.27 1.95
N LEU O 39 -21.32 -27.35 3.03
CA LEU O 39 -21.49 -26.22 3.93
C LEU O 39 -20.23 -25.91 4.72
N ARG O 40 -19.21 -26.76 4.64
CA ARG O 40 -17.91 -26.51 5.27
C ARG O 40 -18.03 -26.35 6.77
N ARG O 41 -18.80 -27.25 7.39
CA ARG O 41 -18.92 -27.28 8.85
C ARG O 41 -18.07 -28.41 9.41
N CYS O 42 -17.64 -28.23 10.66
CA CYS O 42 -16.81 -29.23 11.33
C CYS O 42 -17.71 -30.27 11.99
N LEU O 43 -17.58 -31.53 11.54
CA LEU O 43 -18.38 -32.63 12.06
C LEU O 43 -17.51 -33.51 12.94
N CYS O 44 -18.03 -33.84 14.12
CA CYS O 44 -17.32 -34.66 15.09
C CYS O 44 -17.84 -36.10 15.01
N THR O 45 -16.91 -37.05 14.89
CA THR O 45 -17.27 -38.46 14.78
C THR O 45 -16.65 -39.24 15.93
N LYS O 46 -17.32 -40.30 16.35
CA LYS O 46 -16.84 -41.19 17.39
C LYS O 46 -17.48 -42.56 17.19
N PRO O 47 -16.89 -43.61 17.74
CA PRO O 47 -17.48 -44.96 17.56
C PRO O 47 -18.89 -45.01 18.10
N CYS O 48 -19.78 -45.58 17.30
CA CYS O 48 -21.19 -45.64 17.65
C CYS O 48 -21.60 -47.05 18.08
N ALA P 1 -27.30 -35.58 25.42
CA ALA P 1 -27.55 -34.15 25.23
C ALA P 1 -27.38 -33.75 23.78
N ARG P 2 -26.48 -34.44 23.09
CA ARG P 2 -26.20 -34.18 21.67
C ARG P 2 -26.66 -35.38 20.85
N GLU P 3 -27.20 -35.11 19.67
CA GLU P 3 -27.79 -36.13 18.82
C GLU P 3 -26.74 -36.59 17.80
N CYS P 4 -26.26 -37.81 17.98
CA CYS P 4 -25.34 -38.43 17.02
C CYS P 4 -26.13 -39.17 15.95
N LYS P 5 -25.65 -39.08 14.71
CA LYS P 5 -26.41 -39.54 13.55
C LYS P 5 -25.54 -40.46 12.69
N THR P 6 -26.17 -41.49 12.13
CA THR P 6 -25.53 -42.36 11.16
C THR P 6 -26.59 -42.93 10.23
N GLU P 7 -26.15 -43.39 9.07
CA GLU P 7 -27.07 -43.95 8.08
C GLU P 7 -27.43 -45.38 8.46
N SER P 8 -28.70 -45.73 8.24
CA SER P 8 -29.16 -47.09 8.51
C SER P 8 -28.50 -48.07 7.56
N ASN P 9 -28.23 -49.28 8.06
CA ASN P 9 -27.67 -50.35 7.24
C ASN P 9 -28.67 -51.46 6.97
N THR P 10 -29.94 -51.26 7.34
CA THR P 10 -30.97 -52.27 7.13
C THR P 10 -32.18 -51.77 6.36
N PHE P 11 -32.34 -50.45 6.19
CA PHE P 11 -33.53 -49.92 5.55
C PHE P 11 -33.48 -50.15 4.04
N PRO P 12 -34.46 -50.84 3.46
CA PRO P 12 -34.46 -51.04 2.00
C PRO P 12 -35.31 -50.01 1.26
N GLY P 13 -34.92 -49.69 0.04
CA GLY P 13 -35.74 -48.84 -0.81
C GLY P 13 -35.69 -47.36 -0.44
N ILE P 14 -36.63 -46.63 -1.02
CA ILE P 14 -36.71 -45.19 -0.83
C ILE P 14 -37.31 -44.88 0.53
N CYS P 15 -36.88 -43.75 1.11
CA CYS P 15 -37.36 -43.31 2.42
C CYS P 15 -38.41 -42.23 2.19
N ILE P 16 -39.67 -42.62 2.21
CA ILE P 16 -40.79 -41.69 1.98
C ILE P 16 -41.37 -41.18 3.28
N THR P 17 -41.75 -42.09 4.19
CA THR P 17 -42.33 -41.73 5.46
C THR P 17 -41.39 -42.06 6.60
N LYS P 18 -41.58 -41.37 7.72
CA LYS P 18 -40.73 -41.49 8.91
C LYS P 18 -40.96 -42.79 9.69
N PRO P 19 -42.20 -43.24 9.91
CA PRO P 19 -42.41 -44.46 10.73
C PRO P 19 -41.62 -45.65 10.23
N PRO P 20 -41.58 -45.94 8.91
CA PRO P 20 -40.80 -47.10 8.47
C PRO P 20 -39.31 -46.97 8.76
N CYS P 21 -38.74 -45.78 8.54
CA CYS P 21 -37.32 -45.59 8.83
C CYS P 21 -37.04 -45.59 10.33
N ARG P 22 -37.98 -45.05 11.12
CA ARG P 22 -37.83 -45.07 12.57
C ARG P 22 -37.82 -46.49 13.11
N LYS P 23 -38.68 -47.34 12.56
CA LYS P 23 -38.77 -48.72 13.05
C LYS P 23 -37.48 -49.48 12.77
N ALA P 24 -36.91 -49.31 11.57
CA ALA P 24 -35.66 -49.98 11.26
C ALA P 24 -34.51 -49.42 12.09
N CYS P 25 -34.53 -48.11 12.37
CA CYS P 25 -33.47 -47.50 13.16
C CYS P 25 -33.53 -47.95 14.61
N ILE P 26 -34.73 -48.03 15.18
CA ILE P 26 -34.88 -48.53 16.55
C ILE P 26 -34.37 -49.97 16.64
N SER P 27 -34.61 -50.76 15.59
CA SER P 27 -34.10 -52.13 15.56
C SER P 27 -32.58 -52.18 15.55
N GLU P 28 -31.92 -51.10 15.10
CA GLU P 28 -30.46 -51.02 15.08
C GLU P 28 -29.90 -50.38 16.34
N LYS P 29 -30.60 -50.50 17.47
CA LYS P 29 -30.17 -49.95 18.76
C LYS P 29 -30.10 -48.43 18.76
N PHE P 30 -31.01 -47.76 18.04
CA PHE P 30 -31.06 -46.31 18.00
C PHE P 30 -32.39 -45.83 18.55
N THR P 31 -32.46 -44.51 18.78
CA THR P 31 -33.63 -43.89 19.40
C THR P 31 -34.69 -43.51 18.37
N ASP P 32 -34.29 -43.01 17.20
CA ASP P 32 -35.24 -42.54 16.21
C ASP P 32 -34.60 -42.64 14.83
N GLY P 33 -35.41 -42.38 13.82
CA GLY P 33 -34.92 -42.35 12.44
C GLY P 33 -35.74 -41.39 11.63
N HIS P 34 -35.12 -40.89 10.56
CA HIS P 34 -35.79 -39.95 9.66
C HIS P 34 -35.18 -40.06 8.28
N CYS P 35 -35.87 -39.50 7.30
CA CYS P 35 -35.44 -39.55 5.91
C CYS P 35 -34.63 -38.32 5.56
N SER P 36 -33.57 -38.51 4.77
CA SER P 36 -32.86 -37.37 4.20
C SER P 36 -33.73 -36.70 3.14
N LYS P 37 -33.57 -35.39 3.01
CA LYS P 37 -34.52 -34.59 2.25
C LYS P 37 -34.39 -34.75 0.74
N ILE P 38 -33.24 -35.22 0.25
CA ILE P 38 -33.01 -35.27 -1.19
C ILE P 38 -32.82 -36.72 -1.63
N LEU P 39 -31.74 -37.35 -1.19
CA LEU P 39 -31.47 -38.74 -1.55
C LEU P 39 -32.50 -39.70 -0.97
N ARG P 40 -33.31 -39.26 0.01
CA ARG P 40 -34.28 -40.10 0.70
C ARG P 40 -33.59 -41.32 1.31
N ARG P 41 -32.58 -41.04 2.13
CA ARG P 41 -31.86 -42.06 2.87
C ARG P 41 -32.38 -42.10 4.30
N CYS P 42 -32.44 -43.30 4.87
CA CYS P 42 -32.88 -43.47 6.24
C CYS P 42 -31.69 -43.23 7.19
N LEU P 43 -31.82 -42.22 8.05
CA LEU P 43 -30.77 -41.84 8.97
C LEU P 43 -31.21 -42.13 10.40
N CYS P 44 -30.35 -42.82 11.14
CA CYS P 44 -30.64 -43.18 12.52
C CYS P 44 -29.96 -42.20 13.47
N THR P 45 -30.66 -41.83 14.55
CA THR P 45 -30.16 -40.87 15.52
C THR P 45 -30.31 -41.44 16.92
N LYS P 46 -29.48 -40.95 17.82
CA LYS P 46 -29.50 -41.34 19.23
C LYS P 46 -28.61 -40.37 20.01
N PRO P 47 -28.75 -40.32 21.33
CA PRO P 47 -27.84 -39.48 22.12
C PRO P 47 -26.39 -39.92 21.95
N CYS P 48 -25.50 -38.92 21.91
CA CYS P 48 -24.07 -39.20 21.75
C CYS P 48 -23.49 -39.81 23.02
N ALA Q 1 -0.49 -49.31 -10.35
CA ALA Q 1 -0.71 -49.61 -8.94
C ALA Q 1 -2.02 -48.98 -8.45
N ARG Q 2 -2.21 -48.97 -7.14
CA ARG Q 2 -3.40 -48.39 -6.51
C ARG Q 2 -2.93 -47.29 -5.57
N GLU Q 3 -3.42 -46.07 -5.81
CA GLU Q 3 -2.98 -44.89 -5.08
C GLU Q 3 -4.06 -44.43 -4.12
N CYS Q 4 -3.68 -44.20 -2.87
CA CYS Q 4 -4.57 -43.65 -1.85
C CYS Q 4 -4.10 -42.25 -1.45
N LYS Q 5 -5.03 -41.43 -1.00
CA LYS Q 5 -4.72 -40.08 -0.57
C LYS Q 5 -5.34 -39.82 0.80
N THR Q 6 -4.69 -38.93 1.54
CA THR Q 6 -5.23 -38.43 2.80
C THR Q 6 -4.67 -37.04 3.03
N GLU Q 7 -5.42 -36.22 3.76
CA GLU Q 7 -5.01 -34.86 4.01
C GLU Q 7 -3.82 -34.82 4.96
N SER Q 8 -2.87 -33.94 4.67
CA SER Q 8 -1.70 -33.80 5.53
C SER Q 8 -2.09 -33.23 6.88
N ASN Q 9 -1.43 -33.72 7.93
CA ASN Q 9 -1.63 -33.22 9.28
C ASN Q 9 -0.43 -32.45 9.80
N THR Q 10 0.55 -32.16 8.95
CA THR Q 10 1.71 -31.37 9.34
C THR Q 10 1.94 -30.14 8.47
N PHE Q 11 1.38 -30.07 7.28
CA PHE Q 11 1.62 -28.93 6.40
C PHE Q 11 0.94 -27.68 6.95
N PRO Q 12 1.66 -26.60 7.21
CA PRO Q 12 1.04 -25.37 7.71
C PRO Q 12 0.64 -24.43 6.58
N GLY Q 13 -0.43 -23.69 6.83
CA GLY Q 13 -0.83 -22.63 5.92
C GLY Q 13 -1.50 -23.14 4.65
N ILE Q 14 -1.40 -22.32 3.61
CA ILE Q 14 -2.08 -22.55 2.34
C ILE Q 14 -1.17 -23.33 1.41
N CYS Q 15 -1.75 -24.31 0.72
CA CYS Q 15 -1.01 -25.14 -0.24
C CYS Q 15 -1.00 -24.42 -1.58
N ILE Q 16 0.13 -23.82 -1.92
CA ILE Q 16 0.26 -23.07 -3.18
C ILE Q 16 1.13 -23.86 -4.15
N THR Q 17 2.41 -24.02 -3.81
CA THR Q 17 3.35 -24.78 -4.63
C THR Q 17 3.46 -26.20 -4.12
N LYS Q 18 3.79 -27.11 -5.03
CA LYS Q 18 3.87 -28.54 -4.75
C LYS Q 18 5.03 -28.95 -3.86
N PRO Q 19 6.26 -28.46 -4.06
CA PRO Q 19 7.40 -28.95 -3.27
C PRO Q 19 7.19 -28.85 -1.77
N PRO Q 20 6.64 -27.76 -1.23
CA PRO Q 20 6.40 -27.73 0.23
C PRO Q 20 5.41 -28.80 0.68
N CYS Q 21 4.36 -29.05 -0.09
CA CYS Q 21 3.41 -30.09 0.28
C CYS Q 21 4.01 -31.48 0.08
N ARG Q 22 4.82 -31.65 -0.98
CA ARG Q 22 5.50 -32.92 -1.18
C ARG Q 22 6.50 -33.20 -0.07
N LYS Q 23 7.27 -32.18 0.33
CA LYS Q 23 8.25 -32.36 1.41
C LYS Q 23 7.55 -32.70 2.72
N ALA Q 24 6.45 -32.01 3.03
CA ALA Q 24 5.73 -32.30 4.26
C ALA Q 24 5.07 -33.68 4.22
N CYS Q 25 4.59 -34.08 3.04
CA CYS Q 25 3.94 -35.39 2.92
C CYS Q 25 4.96 -36.52 3.03
N ILE Q 26 6.11 -36.39 2.37
CA ILE Q 26 7.17 -37.39 2.50
C ILE Q 26 7.65 -37.45 3.94
N SER Q 27 7.65 -36.31 4.64
CA SER Q 27 7.97 -36.32 6.07
C SER Q 27 6.99 -37.18 6.85
N GLU Q 28 5.73 -37.24 6.41
CA GLU Q 28 4.71 -38.08 7.03
C GLU Q 28 4.76 -39.52 6.54
N LYS Q 29 5.91 -39.97 6.02
CA LYS Q 29 6.11 -41.33 5.52
C LYS Q 29 5.23 -41.65 4.33
N PHE Q 30 4.86 -40.65 3.54
CA PHE Q 30 4.19 -40.85 2.26
C PHE Q 30 5.19 -40.68 1.12
N THR Q 31 4.71 -40.86 -0.11
CA THR Q 31 5.59 -40.82 -1.28
C THR Q 31 5.44 -39.54 -2.11
N ASP Q 32 4.31 -38.86 -2.04
CA ASP Q 32 4.11 -37.66 -2.83
C ASP Q 32 3.03 -36.80 -2.18
N GLY Q 33 3.03 -35.52 -2.55
CA GLY Q 33 2.02 -34.60 -2.07
C GLY Q 33 1.67 -33.55 -3.10
N HIS Q 34 0.41 -33.15 -3.14
CA HIS Q 34 -0.04 -32.11 -4.06
C HIS Q 34 -1.12 -31.30 -3.38
N CYS Q 35 -1.47 -30.17 -4.00
CA CYS Q 35 -2.46 -29.24 -3.46
C CYS Q 35 -3.83 -29.50 -4.07
N SER Q 36 -4.87 -29.36 -3.26
CA SER Q 36 -6.23 -29.40 -3.79
C SER Q 36 -6.49 -28.14 -4.60
N LYS Q 37 -7.51 -28.23 -5.47
CA LYS Q 37 -7.71 -27.18 -6.47
C LYS Q 37 -8.29 -25.92 -5.84
N ILE Q 38 -9.36 -26.04 -5.07
CA ILE Q 38 -10.11 -24.88 -4.59
C ILE Q 38 -9.61 -24.44 -3.22
N LEU Q 39 -9.74 -25.32 -2.23
CA LEU Q 39 -9.43 -24.96 -0.85
C LEU Q 39 -7.94 -24.99 -0.54
N ARG Q 40 -7.12 -25.45 -1.47
CA ARG Q 40 -5.66 -25.46 -1.33
C ARG Q 40 -5.23 -26.22 -0.07
N ARG Q 41 -5.66 -27.48 0.00
CA ARG Q 41 -5.27 -28.39 1.06
C ARG Q 41 -4.14 -29.30 0.57
N CYS Q 42 -3.19 -29.57 1.44
CA CYS Q 42 -2.05 -30.41 1.10
C CYS Q 42 -2.46 -31.88 1.24
N LEU Q 43 -2.56 -32.57 0.12
CA LEU Q 43 -3.00 -33.96 0.08
C LEU Q 43 -1.78 -34.86 -0.12
N CYS Q 44 -1.65 -35.86 0.75
CA CYS Q 44 -0.55 -36.81 0.68
C CYS Q 44 -1.00 -38.09 -0.01
N THR Q 45 -0.15 -38.62 -0.88
CA THR Q 45 -0.45 -39.84 -1.64
C THR Q 45 0.65 -40.86 -1.43
N LYS Q 46 0.29 -42.13 -1.57
CA LYS Q 46 1.22 -43.23 -1.43
C LYS Q 46 0.61 -44.47 -2.06
N PRO Q 47 1.43 -45.45 -2.46
CA PRO Q 47 0.87 -46.72 -2.94
C PRO Q 47 0.01 -47.36 -1.86
N CYS Q 48 -1.17 -47.84 -2.28
CA CYS Q 48 -2.13 -48.39 -1.34
C CYS Q 48 -2.12 -49.91 -1.35
N ALA R 1 -5.29 -44.65 13.46
CA ALA R 1 -6.15 -43.49 13.65
C ALA R 1 -5.98 -42.48 12.50
N ARG R 2 -5.78 -43.00 11.30
CA ARG R 2 -5.65 -42.16 10.11
C ARG R 2 -6.14 -42.96 8.92
N GLU R 3 -7.23 -42.51 8.30
CA GLU R 3 -7.88 -43.25 7.23
C GLU R 3 -7.36 -42.79 5.87
N CYS R 4 -6.95 -43.75 5.05
CA CYS R 4 -6.54 -43.49 3.68
C CYS R 4 -7.70 -43.75 2.72
N LYS R 5 -7.70 -43.03 1.60
CA LYS R 5 -8.89 -42.92 0.75
C LYS R 5 -8.53 -43.11 -0.71
N THR R 6 -9.34 -43.88 -1.41
CA THR R 6 -9.22 -44.06 -2.85
C THR R 6 -10.58 -44.39 -3.43
N GLU R 7 -10.77 -44.05 -4.70
CA GLU R 7 -12.03 -44.30 -5.38
C GLU R 7 -12.13 -45.76 -5.79
N SER R 8 -13.31 -46.34 -5.62
CA SER R 8 -13.54 -47.73 -5.99
C SER R 8 -13.37 -47.91 -7.49
N ASN R 9 -12.83 -49.06 -7.89
CA ASN R 9 -12.68 -49.40 -9.30
C ASN R 9 -13.61 -50.54 -9.72
N THR R 10 -14.58 -50.90 -8.88
CA THR R 10 -15.55 -51.95 -9.20
C THR R 10 -17.00 -51.54 -9.00
N PHE R 11 -17.28 -50.49 -8.26
CA PHE R 11 -18.67 -50.10 -7.97
C PHE R 11 -19.33 -49.52 -9.21
N PRO R 12 -20.45 -50.05 -9.66
CA PRO R 12 -21.14 -49.49 -10.83
C PRO R 12 -22.22 -48.50 -10.45
N GLY R 13 -22.43 -47.51 -11.33
CA GLY R 13 -23.48 -46.55 -11.14
C GLY R 13 -23.17 -45.51 -10.09
N ILE R 14 -24.22 -44.78 -9.71
CA ILE R 14 -24.11 -43.71 -8.72
C ILE R 14 -24.24 -44.31 -7.32
N CYS R 15 -23.62 -43.64 -6.36
CA CYS R 15 -23.58 -44.10 -4.97
C CYS R 15 -24.63 -43.34 -4.19
N ILE R 16 -25.72 -44.03 -3.82
CA ILE R 16 -26.80 -43.42 -3.07
C ILE R 16 -26.69 -43.81 -1.61
N THR R 17 -26.94 -45.08 -1.32
CA THR R 17 -26.80 -45.62 0.02
C THR R 17 -25.38 -46.17 0.23
N LYS R 18 -25.01 -46.28 1.52
CA LYS R 18 -23.70 -46.70 2.01
C LYS R 18 -23.45 -48.21 1.88
N PRO R 19 -24.37 -49.08 2.31
CA PRO R 19 -24.09 -50.54 2.29
C PRO R 19 -23.59 -51.05 0.95
N PRO R 20 -24.20 -50.66 -0.18
CA PRO R 20 -23.67 -51.17 -1.47
C PRO R 20 -22.23 -50.78 -1.74
N CYS R 21 -21.89 -49.49 -1.56
CA CYS R 21 -20.51 -49.06 -1.76
C CYS R 21 -19.58 -49.69 -0.74
N ARG R 22 -20.03 -49.79 0.51
CA ARG R 22 -19.24 -50.44 1.54
C ARG R 22 -18.93 -51.89 1.16
N LYS R 23 -19.93 -52.60 0.62
CA LYS R 23 -19.73 -53.99 0.22
C LYS R 23 -18.70 -54.10 -0.91
N ALA R 24 -18.79 -53.23 -1.91
CA ALA R 24 -17.85 -53.29 -3.03
C ALA R 24 -16.43 -52.99 -2.57
N CYS R 25 -16.28 -52.08 -1.60
CA CYS R 25 -14.95 -51.74 -1.11
C CYS R 25 -14.35 -52.88 -0.27
N ILE R 26 -15.19 -53.65 0.43
CA ILE R 26 -14.69 -54.80 1.18
C ILE R 26 -14.09 -55.82 0.23
N SER R 27 -14.75 -56.05 -0.91
CA SER R 27 -14.23 -56.99 -1.90
C SER R 27 -12.91 -56.51 -2.50
N GLU R 28 -12.70 -55.19 -2.55
CA GLU R 28 -11.45 -54.64 -3.05
C GLU R 28 -10.36 -54.59 -1.98
N LYS R 29 -10.55 -55.30 -0.87
CA LYS R 29 -9.57 -55.37 0.23
C LYS R 29 -9.44 -54.02 0.93
N PHE R 30 -10.58 -53.43 1.27
CA PHE R 30 -10.62 -52.18 2.03
C PHE R 30 -11.56 -52.34 3.22
N THR R 31 -11.40 -51.47 4.20
CA THR R 31 -12.14 -51.60 5.45
C THR R 31 -13.57 -51.06 5.33
N ASP R 32 -13.74 -49.89 4.72
CA ASP R 32 -15.03 -49.23 4.69
C ASP R 32 -15.23 -48.58 3.32
N GLY R 33 -16.45 -48.07 3.11
CA GLY R 33 -16.79 -47.37 1.90
C GLY R 33 -17.93 -46.39 2.10
N HIS R 34 -17.86 -45.23 1.45
CA HIS R 34 -18.90 -44.22 1.58
C HIS R 34 -18.99 -43.43 0.29
N CYS R 35 -20.16 -42.84 0.06
CA CYS R 35 -20.43 -42.10 -1.16
C CYS R 35 -19.83 -40.70 -1.09
N SER R 36 -19.40 -40.21 -2.26
CA SER R 36 -19.06 -38.81 -2.38
C SER R 36 -20.35 -37.98 -2.37
N LYS R 37 -20.23 -36.72 -1.95
CA LYS R 37 -21.42 -35.95 -1.62
C LYS R 37 -22.20 -35.55 -2.86
N ILE R 38 -21.51 -35.01 -3.87
CA ILE R 38 -22.21 -34.38 -4.99
C ILE R 38 -22.31 -35.34 -6.18
N LEU R 39 -21.17 -35.81 -6.70
CA LEU R 39 -21.18 -36.69 -7.86
C LEU R 39 -21.51 -38.13 -7.50
N ARG R 40 -21.63 -38.45 -6.21
CA ARG R 40 -22.08 -39.77 -5.76
C ARG R 40 -21.14 -40.88 -6.27
N ARG R 41 -19.86 -40.73 -5.97
CA ARG R 41 -18.86 -41.74 -6.28
C ARG R 41 -18.61 -42.60 -5.05
N CYS R 42 -18.26 -43.86 -5.29
CA CYS R 42 -17.96 -44.80 -4.21
C CYS R 42 -16.49 -44.70 -3.84
N LEU R 43 -16.23 -44.30 -2.60
CA LEU R 43 -14.87 -44.08 -2.11
C LEU R 43 -14.53 -45.15 -1.07
N CYS R 44 -13.43 -45.86 -1.30
CA CYS R 44 -12.99 -46.93 -0.40
C CYS R 44 -11.96 -46.39 0.57
N THR R 45 -12.06 -46.83 1.83
CA THR R 45 -11.18 -46.36 2.89
C THR R 45 -10.65 -47.53 3.70
N LYS R 46 -9.42 -47.38 4.18
CA LYS R 46 -8.78 -48.33 5.09
C LYS R 46 -7.64 -47.63 5.80
N PRO R 47 -7.23 -48.11 6.97
CA PRO R 47 -6.17 -47.43 7.73
C PRO R 47 -4.89 -47.28 6.91
N CYS R 48 -4.28 -46.12 7.01
CA CYS R 48 -3.05 -45.83 6.28
C CYS R 48 -1.90 -46.69 6.79
N ALA S 1 0.19 -32.12 -31.26
CA ALA S 1 -0.04 -30.86 -30.57
C ALA S 1 -0.35 -31.09 -29.10
N ARG S 2 0.36 -32.04 -28.51
CA ARG S 2 0.16 -32.43 -27.12
C ARG S 2 1.41 -32.12 -26.32
N GLU S 3 1.24 -31.63 -25.10
CA GLU S 3 2.35 -31.34 -24.21
C GLU S 3 2.08 -31.92 -22.83
N CYS S 4 3.04 -32.68 -22.33
CA CYS S 4 2.96 -33.24 -20.98
C CYS S 4 3.45 -32.20 -19.98
N LYS S 5 2.66 -31.96 -18.93
CA LYS S 5 2.86 -30.83 -18.03
C LYS S 5 3.08 -31.32 -16.61
N THR S 6 3.96 -30.62 -15.89
CA THR S 6 4.16 -30.83 -14.47
C THR S 6 4.68 -29.54 -13.86
N GLU S 7 4.45 -29.38 -12.56
CA GLU S 7 4.86 -28.17 -11.86
C GLU S 7 6.37 -28.17 -11.63
N SER S 8 6.98 -27.01 -11.80
CA SER S 8 8.42 -26.87 -11.62
C SER S 8 8.80 -27.11 -10.17
N ASN S 9 9.95 -27.74 -9.95
CA ASN S 9 10.49 -27.97 -8.61
C ASN S 9 11.77 -27.18 -8.36
N THR S 10 12.15 -26.29 -9.27
CA THR S 10 13.30 -25.41 -9.07
C THR S 10 12.99 -23.93 -9.23
N PHE S 11 11.84 -23.58 -9.80
CA PHE S 11 11.49 -22.18 -10.02
C PHE S 11 11.20 -21.48 -8.70
N PRO S 12 11.96 -20.46 -8.32
CA PRO S 12 11.63 -19.71 -7.10
C PRO S 12 10.84 -18.45 -7.40
N GLY S 13 10.09 -17.96 -6.42
CA GLY S 13 9.39 -16.70 -6.58
C GLY S 13 8.06 -16.85 -7.31
N ILE S 14 7.61 -15.72 -7.85
CA ILE S 14 6.32 -15.61 -8.50
C ILE S 14 6.50 -15.72 -10.00
N CYS S 15 5.55 -16.41 -10.66
CA CYS S 15 5.57 -16.62 -12.10
C CYS S 15 4.58 -15.65 -12.73
N ILE S 16 5.09 -14.50 -13.17
CA ILE S 16 4.29 -13.51 -13.86
C ILE S 16 4.53 -13.52 -15.36
N THR S 17 5.80 -13.55 -15.78
CA THR S 17 6.18 -13.64 -17.18
C THR S 17 6.73 -15.03 -17.48
N LYS S 18 6.68 -15.36 -18.79
CA LYS S 18 7.12 -16.63 -19.40
C LYS S 18 8.64 -16.87 -19.30
N PRO S 19 9.49 -15.90 -19.66
CA PRO S 19 10.95 -16.18 -19.73
C PRO S 19 11.50 -16.82 -18.47
N PRO S 20 11.18 -16.32 -17.26
CA PRO S 20 11.76 -16.96 -16.06
C PRO S 20 11.36 -18.42 -15.90
N CYS S 21 10.11 -18.75 -16.19
CA CYS S 21 9.65 -20.13 -16.03
C CYS S 21 10.25 -21.03 -17.10
N ARG S 22 10.23 -20.58 -18.36
CA ARG S 22 10.83 -21.35 -19.45
C ARG S 22 12.32 -21.60 -19.20
N LYS S 23 13.02 -20.63 -18.60
CA LYS S 23 14.43 -20.80 -18.31
C LYS S 23 14.65 -21.91 -17.28
N ALA S 24 13.90 -21.88 -16.18
CA ALA S 24 14.06 -22.90 -15.14
C ALA S 24 13.61 -24.27 -15.64
N CYS S 25 12.65 -24.32 -16.56
CA CYS S 25 12.12 -25.60 -17.03
C CYS S 25 13.09 -26.29 -17.97
N ILE S 26 13.78 -25.52 -18.81
CA ILE S 26 14.78 -26.11 -19.71
C ILE S 26 15.94 -26.67 -18.89
N SER S 27 16.31 -26.00 -17.81
CA SER S 27 17.33 -26.54 -16.92
C SER S 27 16.88 -27.85 -16.28
N GLU S 28 15.58 -28.01 -16.09
CA GLU S 28 15.00 -29.26 -15.61
C GLU S 28 14.79 -30.27 -16.74
N LYS S 29 15.48 -30.09 -17.86
CA LYS S 29 15.46 -30.98 -19.01
C LYS S 29 14.10 -31.04 -19.70
N PHE S 30 13.29 -30.00 -19.56
CA PHE S 30 12.07 -29.86 -20.33
C PHE S 30 12.32 -28.94 -21.53
N THR S 31 11.26 -28.67 -22.29
CA THR S 31 11.37 -27.87 -23.50
C THR S 31 10.84 -26.45 -23.37
N ASP S 32 9.89 -26.21 -22.47
CA ASP S 32 9.31 -24.88 -22.31
C ASP S 32 8.65 -24.79 -20.94
N GLY S 33 8.08 -23.64 -20.65
CA GLY S 33 7.38 -23.43 -19.40
C GLY S 33 6.49 -22.20 -19.48
N HIS S 34 5.39 -22.24 -18.73
CA HIS S 34 4.46 -21.12 -18.69
C HIS S 34 3.91 -20.98 -17.27
N CYS S 35 3.32 -19.82 -17.00
CA CYS S 35 2.82 -19.50 -15.67
C CYS S 35 1.33 -19.79 -15.58
N SER S 36 0.90 -20.26 -14.41
CA SER S 36 -0.53 -20.36 -14.13
C SER S 36 -1.11 -18.97 -13.96
N LYS S 37 -2.42 -18.86 -14.22
CA LYS S 37 -3.03 -17.53 -14.33
C LYS S 37 -3.43 -16.94 -12.99
N ILE S 38 -3.75 -17.77 -12.00
CA ILE S 38 -4.25 -17.26 -10.73
C ILE S 38 -3.15 -17.26 -9.68
N LEU S 39 -2.68 -18.44 -9.30
CA LEU S 39 -1.66 -18.56 -8.27
C LEU S 39 -0.25 -18.31 -8.78
N ARG S 40 -0.08 -18.10 -10.08
CA ARG S 40 1.20 -17.75 -10.69
C ARG S 40 2.26 -18.82 -10.40
N ARG S 41 1.93 -20.04 -10.79
CA ARG S 41 2.83 -21.18 -10.66
C ARG S 41 3.56 -21.42 -11.98
N CYS S 42 4.81 -21.85 -11.90
CA CYS S 42 5.60 -22.18 -13.08
C CYS S 42 5.32 -23.63 -13.46
N LEU S 43 4.86 -23.84 -14.70
CA LEU S 43 4.46 -25.16 -15.17
C LEU S 43 5.34 -25.54 -16.35
N CYS S 44 6.15 -26.59 -16.17
CA CYS S 44 7.02 -27.06 -17.24
C CYS S 44 6.27 -27.98 -18.19
N THR S 45 6.67 -27.95 -19.46
CA THR S 45 6.06 -28.75 -20.49
C THR S 45 7.12 -29.44 -21.34
N LYS S 46 6.76 -30.57 -21.91
CA LYS S 46 7.61 -31.30 -22.85
C LYS S 46 6.72 -32.22 -23.67
N PRO S 47 7.12 -32.57 -24.89
CA PRO S 47 6.28 -33.45 -25.71
C PRO S 47 6.12 -34.82 -25.06
N CYS S 48 4.89 -35.33 -25.10
CA CYS S 48 4.60 -36.65 -24.54
C CYS S 48 5.14 -37.74 -25.45
N ALA T 1 8.84 -40.24 -7.76
CA ALA T 1 8.81 -40.19 -9.23
C ALA T 1 7.99 -39.00 -9.71
N ARG T 2 8.60 -38.19 -10.58
CA ARG T 2 7.92 -37.02 -11.10
C ARG T 2 6.82 -37.43 -12.09
N GLU T 3 5.66 -36.79 -11.98
CA GLU T 3 4.48 -37.16 -12.74
C GLU T 3 4.14 -36.08 -13.75
N CYS T 4 4.05 -36.44 -15.02
CA CYS T 4 3.63 -35.56 -16.09
C CYS T 4 2.15 -35.80 -16.40
N LYS T 5 1.49 -34.76 -16.90
CA LYS T 5 0.04 -34.78 -17.03
C LYS T 5 -0.39 -34.07 -18.32
N THR T 6 -1.45 -34.60 -18.93
CA THR T 6 -2.08 -33.97 -20.09
C THR T 6 -3.49 -34.52 -20.23
N GLU T 7 -4.34 -33.78 -20.92
CA GLU T 7 -5.71 -34.21 -21.12
C GLU T 7 -5.78 -35.31 -22.16
N SER T 8 -6.72 -36.24 -21.93
CA SER T 8 -6.86 -37.39 -22.81
C SER T 8 -7.24 -36.96 -24.24
N ASN T 9 -6.84 -37.78 -25.21
CA ASN T 9 -7.21 -37.56 -26.59
C ASN T 9 -8.49 -38.29 -26.98
N THR T 10 -8.82 -39.38 -26.30
CA THR T 10 -9.87 -40.28 -26.74
C THR T 10 -11.01 -40.47 -25.75
N PHE T 11 -10.90 -39.96 -24.54
CA PHE T 11 -11.93 -40.22 -23.52
C PHE T 11 -13.25 -39.58 -23.93
N PRO T 12 -14.31 -40.37 -24.12
CA PRO T 12 -15.59 -39.77 -24.53
C PRO T 12 -16.37 -39.24 -23.34
N GLY T 13 -16.93 -38.06 -23.51
CA GLY T 13 -17.87 -37.51 -22.55
C GLY T 13 -17.23 -36.92 -21.31
N ILE T 14 -18.10 -36.67 -20.33
CA ILE T 14 -17.73 -35.99 -19.10
C ILE T 14 -17.09 -36.98 -18.13
N CYS T 15 -15.98 -36.58 -17.54
CA CYS T 15 -15.25 -37.43 -16.61
C CYS T 15 -15.88 -37.34 -15.23
N ILE T 16 -16.42 -38.44 -14.73
CA ILE T 16 -17.05 -38.50 -13.42
C ILE T 16 -16.31 -39.48 -12.53
N THR T 17 -16.30 -40.75 -12.93
CA THR T 17 -15.57 -41.80 -12.22
C THR T 17 -14.21 -42.04 -12.88
N LYS T 18 -13.31 -42.63 -12.10
CA LYS T 18 -11.91 -42.85 -12.47
C LYS T 18 -11.71 -43.97 -13.48
N PRO T 19 -12.30 -45.17 -13.31
CA PRO T 19 -11.95 -46.30 -14.19
C PRO T 19 -12.09 -45.99 -15.67
N PRO T 20 -13.19 -45.35 -16.12
CA PRO T 20 -13.28 -45.05 -17.56
C PRO T 20 -12.16 -44.15 -18.07
N CYS T 21 -11.73 -43.18 -17.26
CA CYS T 21 -10.65 -42.30 -17.68
C CYS T 21 -9.31 -43.01 -17.67
N ARG T 22 -9.06 -43.84 -16.64
CA ARG T 22 -7.82 -44.60 -16.58
C ARG T 22 -7.69 -45.54 -17.78
N LYS T 23 -8.81 -46.14 -18.20
CA LYS T 23 -8.76 -47.07 -19.32
C LYS T 23 -8.32 -46.38 -20.61
N ALA T 24 -8.93 -45.23 -20.91
CA ALA T 24 -8.57 -44.51 -22.12
C ALA T 24 -7.11 -44.04 -22.06
N CYS T 25 -6.62 -43.67 -20.87
CA CYS T 25 -5.26 -43.20 -20.75
C CYS T 25 -4.25 -44.33 -20.94
N ILE T 26 -4.54 -45.50 -20.39
CA ILE T 26 -3.67 -46.66 -20.60
C ILE T 26 -3.62 -47.02 -22.08
N SER T 27 -4.73 -46.85 -22.79
CA SER T 27 -4.73 -47.09 -24.23
C SER T 27 -3.89 -46.06 -24.97
N GLU T 28 -3.82 -44.83 -24.46
CA GLU T 28 -3.02 -43.76 -25.04
C GLU T 28 -1.55 -43.83 -24.63
N LYS T 29 -1.11 -44.97 -24.12
CA LYS T 29 0.28 -45.19 -23.69
C LYS T 29 0.65 -44.30 -22.51
N PHE T 30 -0.25 -44.20 -21.53
CA PHE T 30 0.02 -43.59 -20.24
C PHE T 30 -0.12 -44.64 -19.15
N THR T 31 0.16 -44.24 -17.90
CA THR T 31 0.08 -45.18 -16.79
C THR T 31 -1.23 -45.12 -16.03
N ASP T 32 -1.88 -43.95 -15.98
CA ASP T 32 -3.10 -43.81 -15.18
C ASP T 32 -3.85 -42.57 -15.64
N GLY T 33 -5.10 -42.49 -15.24
CA GLY T 33 -5.93 -41.35 -15.56
C GLY T 33 -6.83 -40.98 -14.39
N HIS T 34 -7.30 -39.73 -14.41
CA HIS T 34 -8.20 -39.23 -13.38
C HIS T 34 -8.91 -38.00 -13.91
N CYS T 35 -10.00 -37.64 -13.24
CA CYS T 35 -10.85 -36.54 -13.66
C CYS T 35 -10.40 -35.23 -13.04
N SER T 36 -10.44 -34.16 -13.84
CA SER T 36 -10.24 -32.83 -13.29
C SER T 36 -11.41 -32.46 -12.39
N LYS T 37 -11.18 -31.50 -11.49
CA LYS T 37 -12.14 -31.22 -10.44
C LYS T 37 -13.34 -30.42 -10.94
N ILE T 38 -13.10 -29.41 -11.78
CA ILE T 38 -14.16 -28.48 -12.16
C ILE T 38 -14.79 -28.87 -13.49
N LEU T 39 -14.05 -28.70 -14.58
CA LEU T 39 -14.58 -28.97 -15.91
C LEU T 39 -14.77 -30.46 -16.17
N ARG T 40 -14.32 -31.32 -15.25
CA ARG T 40 -14.52 -32.77 -15.36
C ARG T 40 -13.90 -33.32 -16.65
N ARG T 41 -12.63 -32.98 -16.86
CA ARG T 41 -11.88 -33.46 -18.00
C ARG T 41 -11.01 -34.63 -17.57
N CYS T 42 -10.90 -35.63 -18.44
CA CYS T 42 -10.05 -36.79 -18.18
C CYS T 42 -8.59 -36.43 -18.43
N LEU T 43 -7.76 -36.60 -17.43
CA LEU T 43 -6.35 -36.24 -17.50
C LEU T 43 -5.49 -37.50 -17.37
N CYS T 44 -4.57 -37.67 -18.31
CA CYS T 44 -3.68 -38.82 -18.33
C CYS T 44 -2.35 -38.48 -17.67
N THR T 45 -1.78 -39.46 -16.97
CA THR T 45 -0.56 -39.26 -16.20
C THR T 45 0.42 -40.39 -16.50
N LYS T 46 1.72 -40.05 -16.42
CA LYS T 46 2.80 -40.99 -16.61
C LYS T 46 4.07 -40.36 -16.07
N PRO T 47 5.10 -41.16 -15.75
CA PRO T 47 6.35 -40.58 -15.26
C PRO T 47 7.01 -39.73 -16.33
N CYS T 48 7.58 -38.60 -15.90
CA CYS T 48 8.27 -37.70 -16.82
C CYS T 48 9.61 -38.26 -17.23
#